data_1MYN
#
_entry.id   1MYN
#
_cell.length_a   1.000
_cell.length_b   1.000
_cell.length_c   1.000
_cell.angle_alpha   90.00
_cell.angle_beta   90.00
_cell.angle_gamma   90.00
#
_symmetry.space_group_name_H-M   'P 1'
#
_entity_poly.entity_id   1
_entity_poly.type   'polypeptide(L)'
_entity_poly.pdbx_seq_one_letter_code
;DCLSGRYKGPCAVWDNETCRRVCKEEGRSSGHCSPSLKCWCEGC
;
_entity_poly.pdbx_strand_id   A
#
# COMPACT_ATOMS: atom_id res chain seq x y z
N ASP A 1 10.72 0.55 4.81
CA ASP A 1 9.49 0.66 3.98
C ASP A 1 8.78 1.95 4.39
N CYS A 2 7.80 2.37 3.64
CA CYS A 2 7.08 3.63 3.99
C CYS A 2 5.58 3.40 3.78
N LEU A 3 4.81 4.41 4.07
CA LEU A 3 3.33 4.29 3.90
C LEU A 3 3.08 4.91 2.55
N SER A 4 2.11 4.48 1.80
CA SER A 4 1.93 5.15 0.49
C SER A 4 1.67 6.65 0.70
N GLY A 5 2.03 7.41 -0.29
CA GLY A 5 1.82 8.89 -0.23
C GLY A 5 0.77 9.27 -1.25
N ARG A 6 0.34 8.27 -1.99
CA ARG A 6 -0.69 8.49 -3.04
C ARG A 6 -1.97 7.67 -2.72
N TYR A 7 -1.86 6.66 -1.91
CA TYR A 7 -3.04 5.80 -1.53
C TYR A 7 -3.78 6.57 -0.42
N LYS A 8 -5.06 6.33 -0.30
CA LYS A 8 -5.86 7.02 0.75
C LYS A 8 -7.10 6.18 1.04
N GLY A 9 -7.52 6.20 2.27
CA GLY A 9 -8.73 5.44 2.70
C GLY A 9 -8.26 4.46 3.77
N PRO A 10 -9.14 3.62 4.24
CA PRO A 10 -8.70 2.38 4.92
C PRO A 10 -8.21 1.37 3.88
N CYS A 11 -7.60 0.34 4.39
CA CYS A 11 -7.06 -0.77 3.54
C CYS A 11 -7.53 -2.10 4.14
N ALA A 12 -8.52 -2.73 3.55
CA ALA A 12 -9.01 -4.02 4.12
C ALA A 12 -8.70 -5.16 3.11
N VAL A 13 -9.26 -6.33 3.34
CA VAL A 13 -9.04 -7.48 2.44
C VAL A 13 -9.24 -7.16 0.95
N TRP A 14 -9.88 -6.05 0.68
CA TRP A 14 -10.15 -5.65 -0.73
C TRP A 14 -9.27 -4.49 -1.24
N ASP A 15 -8.30 -4.11 -0.46
CA ASP A 15 -7.38 -2.99 -0.83
C ASP A 15 -5.89 -3.44 -0.98
N ASN A 16 -5.58 -4.65 -0.57
CA ASN A 16 -4.15 -5.12 -0.69
C ASN A 16 -3.59 -4.92 -2.10
N GLU A 17 -4.26 -5.51 -3.06
CA GLU A 17 -3.81 -5.38 -4.48
C GLU A 17 -3.64 -3.89 -4.76
N THR A 18 -4.60 -3.10 -4.34
CA THR A 18 -4.53 -1.63 -4.55
C THR A 18 -3.12 -1.23 -4.12
N CYS A 19 -2.74 -1.64 -2.94
CA CYS A 19 -1.37 -1.30 -2.48
C CYS A 19 -0.40 -1.85 -3.55
N ARG A 20 -0.49 -3.10 -3.87
CA ARG A 20 0.44 -3.68 -4.90
C ARG A 20 0.65 -2.74 -6.09
N ARG A 21 -0.45 -2.30 -6.63
CA ARG A 21 -0.37 -1.38 -7.79
C ARG A 21 0.16 -0.01 -7.39
N VAL A 22 -0.43 0.65 -6.45
CA VAL A 22 0.08 2.01 -6.07
C VAL A 22 1.57 2.01 -5.68
N CYS A 23 1.92 1.00 -4.96
CA CYS A 23 3.34 0.93 -4.52
C CYS A 23 4.20 0.59 -5.73
N LYS A 24 3.62 -0.16 -6.61
CA LYS A 24 4.43 -0.53 -7.81
C LYS A 24 4.62 0.78 -8.59
N GLU A 25 3.53 1.47 -8.77
CA GLU A 25 3.51 2.76 -9.50
C GLU A 25 4.66 3.66 -8.96
N GLU A 26 4.67 3.97 -7.67
CA GLU A 26 5.75 4.83 -7.04
C GLU A 26 7.10 4.23 -7.50
N GLY A 27 7.11 2.93 -7.52
CA GLY A 27 8.32 2.17 -7.96
C GLY A 27 8.94 1.35 -6.86
N ARG A 28 8.10 0.80 -6.00
CA ARG A 28 8.61 -0.03 -4.88
C ARG A 28 8.47 -1.54 -5.22
N SER A 29 8.58 -2.37 -4.21
CA SER A 29 8.47 -3.84 -4.40
C SER A 29 6.98 -4.15 -4.51
N SER A 30 6.20 -3.72 -3.55
CA SER A 30 4.73 -3.99 -3.61
C SER A 30 4.13 -3.33 -2.39
N GLY A 31 2.84 -3.22 -2.35
CA GLY A 31 2.21 -2.57 -1.18
C GLY A 31 1.72 -3.72 -0.34
N HIS A 32 1.81 -3.52 0.94
CA HIS A 32 1.36 -4.57 1.89
C HIS A 32 0.32 -3.86 2.71
N CYS A 33 -0.75 -4.53 3.01
CA CYS A 33 -1.79 -3.84 3.81
C CYS A 33 -1.44 -4.11 5.27
N SER A 34 -1.92 -3.23 6.09
CA SER A 34 -1.67 -3.34 7.56
C SER A 34 -2.91 -3.78 8.33
N PRO A 35 -2.71 -4.47 9.44
CA PRO A 35 -3.81 -4.77 10.36
C PRO A 35 -4.51 -3.48 10.84
N SER A 36 -3.91 -2.34 10.62
CA SER A 36 -4.57 -1.06 11.07
C SER A 36 -5.17 -0.38 9.82
N LEU A 37 -5.68 -1.24 8.97
CA LEU A 37 -6.33 -0.84 7.69
C LEU A 37 -5.56 0.31 7.04
N LYS A 38 -4.30 0.05 6.86
CA LYS A 38 -3.37 1.05 6.25
C LYS A 38 -2.59 0.43 5.05
N CYS A 39 -2.08 1.28 4.21
CA CYS A 39 -1.31 0.78 3.01
C CYS A 39 0.18 1.13 2.99
N TRP A 40 0.99 0.13 3.17
CA TRP A 40 2.41 0.36 3.16
C TRP A 40 2.89 -0.02 1.81
N CYS A 41 3.99 0.58 1.54
CA CYS A 41 4.67 0.37 0.27
C CYS A 41 5.96 -0.23 0.80
N GLU A 42 6.35 -1.32 0.19
CA GLU A 42 7.59 -2.02 0.61
C GLU A 42 8.66 -1.74 -0.44
N GLY A 43 9.84 -1.44 0.01
CA GLY A 43 11.02 -1.10 -0.83
C GLY A 43 11.32 0.39 -0.60
N CYS A 44 11.30 0.76 0.64
CA CYS A 44 11.56 2.17 1.02
C CYS A 44 12.54 2.13 2.23
N ASP A 1 9.56 0.66 5.78
CA ASP A 1 8.38 0.79 4.88
C ASP A 1 8.02 2.26 4.96
N CYS A 2 7.21 2.62 4.01
CA CYS A 2 6.68 4.00 3.87
C CYS A 2 5.21 3.76 3.60
N LEU A 3 4.42 4.75 3.90
CA LEU A 3 2.95 4.64 3.69
C LEU A 3 2.67 5.27 2.35
N SER A 4 1.63 4.82 1.71
CA SER A 4 1.33 5.42 0.41
C SER A 4 0.77 6.83 0.60
N GLY A 5 1.27 7.67 -0.27
CA GLY A 5 0.88 9.11 -0.28
C GLY A 5 -0.20 9.30 -1.35
N ARG A 6 -0.32 8.30 -2.17
CA ARG A 6 -1.33 8.34 -3.27
C ARG A 6 -2.57 7.58 -2.77
N TYR A 7 -2.34 6.57 -1.96
CA TYR A 7 -3.48 5.76 -1.41
C TYR A 7 -3.82 6.30 -0.02
N LYS A 8 -5.01 6.80 0.10
CA LYS A 8 -5.47 7.36 1.40
C LYS A 8 -6.78 6.66 1.70
N GLY A 9 -6.97 6.29 2.94
CA GLY A 9 -8.22 5.58 3.37
C GLY A 9 -7.88 4.23 4.01
N PRO A 10 -8.86 3.58 4.59
CA PRO A 10 -8.69 2.20 5.13
C PRO A 10 -8.47 1.22 3.97
N CYS A 11 -7.80 0.11 4.21
CA CYS A 11 -7.52 -0.92 3.15
C CYS A 11 -7.97 -2.27 3.71
N ALA A 12 -8.84 -2.96 3.01
CA ALA A 12 -9.32 -4.31 3.48
C ALA A 12 -8.89 -5.43 2.50
N VAL A 13 -9.37 -6.62 2.72
CA VAL A 13 -9.06 -7.79 1.87
C VAL A 13 -9.17 -7.52 0.35
N TRP A 14 -10.00 -6.57 0.00
CA TRP A 14 -10.25 -6.20 -1.43
C TRP A 14 -9.47 -4.94 -1.88
N ASP A 15 -8.69 -4.39 -0.99
CA ASP A 15 -7.87 -3.17 -1.28
C ASP A 15 -6.36 -3.41 -1.37
N ASN A 16 -5.87 -4.45 -0.77
CA ASN A 16 -4.38 -4.73 -0.83
C ASN A 16 -3.69 -4.69 -2.19
N GLU A 17 -4.27 -5.41 -3.11
CA GLU A 17 -3.71 -5.46 -4.51
C GLU A 17 -3.43 -4.02 -4.97
N THR A 18 -4.33 -3.19 -4.56
CA THR A 18 -4.26 -1.75 -4.88
C THR A 18 -2.90 -1.24 -4.38
N CYS A 19 -2.61 -1.52 -3.13
CA CYS A 19 -1.32 -1.06 -2.55
C CYS A 19 -0.21 -1.64 -3.43
N ARG A 20 -0.33 -2.86 -3.90
CA ARG A 20 0.76 -3.40 -4.79
C ARG A 20 0.89 -2.47 -5.98
N ARG A 21 -0.14 -2.33 -6.77
CA ARG A 21 0.01 -1.41 -7.93
C ARG A 21 0.47 -0.01 -7.49
N VAL A 22 -0.24 0.64 -6.60
CA VAL A 22 0.18 2.01 -6.16
C VAL A 22 1.63 2.06 -5.72
N CYS A 23 1.98 1.18 -4.83
CA CYS A 23 3.40 1.18 -4.35
C CYS A 23 4.36 0.93 -5.52
N LYS A 24 3.93 0.04 -6.36
CA LYS A 24 4.80 -0.27 -7.54
C LYS A 24 4.92 1.01 -8.35
N GLU A 25 3.82 1.70 -8.40
CA GLU A 25 3.68 2.98 -9.12
C GLU A 25 4.54 4.04 -8.45
N GLU A 26 4.77 3.86 -7.18
CA GLU A 26 5.62 4.83 -6.45
C GLU A 26 7.04 4.47 -6.94
N GLY A 27 7.24 3.20 -7.17
CA GLY A 27 8.56 2.68 -7.66
C GLY A 27 9.16 1.79 -6.60
N ARG A 28 8.32 1.21 -5.80
CA ARG A 28 8.79 0.30 -4.71
C ARG A 28 8.63 -1.14 -5.20
N SER A 29 8.68 -2.07 -4.28
CA SER A 29 8.53 -3.49 -4.71
C SER A 29 7.03 -3.70 -4.84
N SER A 30 6.30 -3.27 -3.83
CA SER A 30 4.81 -3.39 -3.79
C SER A 30 4.30 -2.90 -2.43
N GLY A 31 3.02 -2.91 -2.29
CA GLY A 31 2.37 -2.46 -1.04
C GLY A 31 1.85 -3.69 -0.30
N HIS A 32 2.02 -3.61 0.99
CA HIS A 32 1.60 -4.67 1.93
C HIS A 32 0.69 -4.04 2.96
N CYS A 33 -0.59 -4.03 2.67
CA CYS A 33 -1.53 -3.42 3.64
C CYS A 33 -1.36 -4.08 5.01
N SER A 34 -1.93 -3.43 5.98
CA SER A 34 -1.85 -3.91 7.39
C SER A 34 -3.21 -4.43 7.86
N PRO A 35 -3.22 -5.35 8.81
CA PRO A 35 -4.47 -5.70 9.51
C PRO A 35 -5.17 -4.44 10.06
N SER A 36 -4.45 -3.39 10.39
CA SER A 36 -5.16 -2.18 10.93
C SER A 36 -5.61 -1.26 9.77
N LEU A 37 -6.12 -1.91 8.75
CA LEU A 37 -6.65 -1.27 7.51
C LEU A 37 -5.81 -0.11 6.94
N LYS A 38 -4.63 -0.40 6.46
CA LYS A 38 -3.78 0.70 5.90
C LYS A 38 -2.93 0.24 4.69
N CYS A 39 -2.44 1.17 3.92
CA CYS A 39 -1.59 0.89 2.68
C CYS A 39 -0.10 1.21 2.81
N TRP A 40 0.69 0.21 3.08
CA TRP A 40 2.12 0.41 3.22
C TRP A 40 2.77 -0.04 1.96
N CYS A 41 3.81 0.66 1.64
CA CYS A 41 4.60 0.38 0.44
C CYS A 41 5.81 -0.36 1.01
N GLU A 42 6.40 -1.18 0.20
CA GLU A 42 7.61 -1.96 0.64
C GLU A 42 8.75 -1.51 -0.26
N GLY A 43 9.77 -1.02 0.37
CA GLY A 43 10.99 -0.53 -0.36
C GLY A 43 11.32 0.90 0.06
N CYS A 44 11.30 1.11 1.35
CA CYS A 44 11.60 2.43 1.99
C CYS A 44 12.19 2.05 3.33
N ASP A 1 10.20 -1.00 4.71
CA ASP A 1 9.09 -0.59 3.80
C ASP A 1 8.65 0.82 4.22
N CYS A 2 7.69 1.38 3.50
CA CYS A 2 7.20 2.76 3.85
C CYS A 2 5.68 2.81 3.64
N LEU A 3 5.07 3.91 3.97
CA LEU A 3 3.58 4.06 3.80
C LEU A 3 3.34 4.91 2.58
N SER A 4 2.31 4.60 1.84
CA SER A 4 2.03 5.38 0.63
C SER A 4 1.74 6.87 0.90
N GLY A 5 2.00 7.64 -0.10
CA GLY A 5 1.78 9.13 -0.01
C GLY A 5 0.62 9.51 -0.92
N ARG A 6 0.20 8.58 -1.73
CA ARG A 6 -0.93 8.82 -2.68
C ARG A 6 -2.19 8.02 -2.27
N TYR A 7 -1.99 6.90 -1.62
CA TYR A 7 -3.14 6.05 -1.19
C TYR A 7 -3.78 6.73 0.03
N LYS A 8 -5.08 6.66 0.11
CA LYS A 8 -5.75 7.31 1.26
C LYS A 8 -7.08 6.58 1.52
N GLY A 9 -7.40 6.40 2.76
CA GLY A 9 -8.66 5.70 3.16
C GLY A 9 -8.26 4.45 3.94
N PRO A 10 -9.18 3.81 4.64
CA PRO A 10 -8.84 2.52 5.29
C PRO A 10 -8.58 1.39 4.26
N CYS A 11 -7.60 0.59 4.58
CA CYS A 11 -7.21 -0.54 3.69
C CYS A 11 -7.70 -1.85 4.31
N ALA A 12 -8.70 -2.43 3.71
CA ALA A 12 -9.28 -3.72 4.22
C ALA A 12 -9.05 -4.87 3.23
N VAL A 13 -9.63 -6.01 3.47
CA VAL A 13 -9.46 -7.16 2.56
C VAL A 13 -9.72 -6.84 1.09
N TRP A 14 -10.53 -5.85 0.87
CA TRP A 14 -10.87 -5.45 -0.54
C TRP A 14 -10.00 -4.34 -1.10
N ASP A 15 -8.98 -3.97 -0.39
CA ASP A 15 -8.08 -2.88 -0.88
C ASP A 15 -6.57 -3.18 -0.83
N ASN A 16 -6.20 -4.43 -0.79
CA ASN A 16 -4.75 -4.80 -0.75
C ASN A 16 -4.16 -4.61 -2.13
N GLU A 17 -4.74 -5.26 -3.09
CA GLU A 17 -4.30 -5.17 -4.53
C GLU A 17 -4.03 -3.68 -4.82
N THR A 18 -4.91 -2.85 -4.34
CA THR A 18 -4.76 -1.37 -4.54
C THR A 18 -3.31 -1.05 -4.18
N CYS A 19 -2.95 -1.43 -2.99
CA CYS A 19 -1.58 -1.18 -2.51
C CYS A 19 -0.61 -1.70 -3.55
N ARG A 20 -0.81 -2.92 -3.97
CA ARG A 20 0.08 -3.54 -5.00
C ARG A 20 0.32 -2.52 -6.11
N ARG A 21 -0.74 -2.10 -6.74
CA ARG A 21 -0.58 -1.09 -7.83
C ARG A 21 0.00 0.23 -7.41
N VAL A 22 -0.51 0.83 -6.38
CA VAL A 22 0.05 2.16 -5.97
C VAL A 22 1.54 2.05 -5.66
N CYS A 23 1.86 1.01 -4.96
CA CYS A 23 3.28 0.80 -4.61
C CYS A 23 4.06 0.45 -5.87
N LYS A 24 3.46 -0.34 -6.70
CA LYS A 24 4.18 -0.72 -7.94
C LYS A 24 4.42 0.52 -8.77
N GLU A 25 3.42 1.36 -8.73
CA GLU A 25 3.41 2.65 -9.44
C GLU A 25 4.57 3.45 -8.93
N GLU A 26 4.57 3.70 -7.64
CA GLU A 26 5.67 4.47 -6.98
C GLU A 26 7.00 3.92 -7.53
N GLY A 27 6.98 2.64 -7.80
CA GLY A 27 8.19 1.96 -8.35
C GLY A 27 8.80 1.03 -7.35
N ARG A 28 7.96 0.49 -6.51
CA ARG A 28 8.41 -0.47 -5.46
C ARG A 28 8.03 -1.88 -5.91
N SER A 29 8.06 -2.83 -5.01
CA SER A 29 7.71 -4.24 -5.38
C SER A 29 6.19 -4.37 -5.43
N SER A 30 5.61 -3.96 -4.34
CA SER A 30 4.14 -4.01 -4.20
C SER A 30 3.86 -3.48 -2.82
N GLY A 31 2.61 -3.22 -2.56
CA GLY A 31 2.24 -2.71 -1.25
C GLY A 31 1.51 -3.83 -0.56
N HIS A 32 1.53 -3.78 0.74
CA HIS A 32 0.85 -4.82 1.56
C HIS A 32 -0.08 -4.04 2.44
N CYS A 33 -1.15 -4.66 2.81
CA CYS A 33 -2.10 -3.92 3.68
C CYS A 33 -1.68 -4.21 5.10
N SER A 34 -2.19 -3.38 5.98
CA SER A 34 -1.86 -3.54 7.43
C SER A 34 -3.11 -3.89 8.21
N PRO A 35 -2.95 -4.66 9.27
CA PRO A 35 -4.06 -4.89 10.20
C PRO A 35 -4.67 -3.57 10.66
N SER A 36 -3.89 -2.51 10.71
CA SER A 36 -4.50 -1.23 11.16
C SER A 36 -5.06 -0.45 9.96
N LEU A 37 -5.66 -1.21 9.06
CA LEU A 37 -6.28 -0.67 7.82
C LEU A 37 -5.44 0.44 7.21
N LYS A 38 -4.24 0.07 6.86
CA LYS A 38 -3.28 1.04 6.26
C LYS A 38 -2.63 0.43 5.00
N CYS A 39 -2.09 1.29 4.17
CA CYS A 39 -1.41 0.82 2.89
C CYS A 39 0.11 1.07 2.85
N TRP A 40 0.83 -0.01 2.89
CA TRP A 40 2.28 0.08 2.88
C TRP A 40 2.81 -0.34 1.55
N CYS A 41 3.95 0.19 1.27
CA CYS A 41 4.63 -0.11 0.00
C CYS A 41 5.82 -0.93 0.47
N GLU A 42 6.15 -1.91 -0.31
CA GLU A 42 7.27 -2.82 0.00
C GLU A 42 8.26 -2.62 -1.13
N GLY A 43 9.45 -2.42 -0.64
CA GLY A 43 10.65 -2.17 -1.50
C GLY A 43 11.30 -0.84 -1.06
N CYS A 44 10.95 -0.43 0.13
CA CYS A 44 11.48 0.82 0.73
C CYS A 44 12.37 0.35 1.90
N ASP A 1 10.44 -0.82 5.50
CA ASP A 1 9.18 -0.66 4.69
C ASP A 1 8.75 0.75 5.04
N CYS A 2 7.80 1.19 4.27
CA CYS A 2 7.26 2.54 4.46
C CYS A 2 5.77 2.50 4.18
N LEU A 3 5.14 3.64 4.27
CA LEU A 3 3.66 3.70 4.01
C LEU A 3 3.31 4.40 2.70
N SER A 4 2.11 4.18 2.22
CA SER A 4 1.70 4.83 0.95
C SER A 4 1.48 6.36 1.12
N GLY A 5 1.65 7.08 0.03
CA GLY A 5 1.47 8.57 0.00
C GLY A 5 0.24 8.91 -0.86
N ARG A 6 0.19 8.35 -2.05
CA ARG A 6 -0.99 8.64 -2.92
C ARG A 6 -2.22 7.88 -2.39
N TYR A 7 -1.97 6.79 -1.70
CA TYR A 7 -3.09 5.98 -1.15
C TYR A 7 -3.33 6.41 0.30
N LYS A 8 -4.58 6.76 0.54
CA LYS A 8 -5.05 7.21 1.87
C LYS A 8 -6.51 6.90 2.20
N GLY A 9 -6.72 5.71 2.72
CA GLY A 9 -8.10 5.27 3.09
C GLY A 9 -7.98 4.04 4.02
N PRO A 10 -9.08 3.48 4.48
CA PRO A 10 -9.13 2.14 5.14
C PRO A 10 -8.90 0.95 4.17
N CYS A 11 -7.73 0.39 4.20
CA CYS A 11 -7.41 -0.77 3.30
C CYS A 11 -7.94 -2.06 3.92
N ALA A 12 -8.95 -2.57 3.30
CA ALA A 12 -9.59 -3.84 3.77
C ALA A 12 -9.39 -4.94 2.69
N VAL A 13 -10.04 -6.07 2.86
CA VAL A 13 -9.95 -7.21 1.92
C VAL A 13 -10.16 -6.85 0.43
N TRP A 14 -10.76 -5.71 0.20
CA TRP A 14 -11.03 -5.24 -1.19
C TRP A 14 -10.13 -4.09 -1.63
N ASP A 15 -9.21 -3.72 -0.77
CA ASP A 15 -8.26 -2.61 -1.08
C ASP A 15 -6.82 -3.07 -1.12
N ASN A 16 -6.44 -3.99 -0.28
CA ASN A 16 -5.01 -4.50 -0.30
C ASN A 16 -4.22 -4.37 -1.66
N GLU A 17 -4.76 -4.98 -2.68
CA GLU A 17 -4.13 -4.94 -4.04
C GLU A 17 -3.86 -3.50 -4.49
N THR A 18 -4.70 -2.61 -4.05
CA THR A 18 -4.56 -1.16 -4.39
C THR A 18 -3.10 -0.85 -3.92
N CYS A 19 -2.82 -1.17 -2.68
CA CYS A 19 -1.45 -0.92 -2.10
C CYS A 19 -0.41 -1.41 -3.09
N ARG A 20 -0.48 -2.69 -3.36
CA ARG A 20 0.46 -3.34 -4.32
C ARG A 20 0.66 -2.40 -5.50
N ARG A 21 -0.44 -2.09 -6.14
CA ARG A 21 -0.39 -1.17 -7.31
C ARG A 21 0.28 0.19 -6.98
N VAL A 22 -0.24 0.92 -6.04
CA VAL A 22 0.34 2.26 -5.66
C VAL A 22 1.84 2.24 -5.35
N CYS A 23 2.22 1.24 -4.61
CA CYS A 23 3.65 1.12 -4.25
C CYS A 23 4.44 0.73 -5.51
N LYS A 24 3.80 -0.12 -6.27
CA LYS A 24 4.45 -0.61 -7.55
C LYS A 24 4.55 0.57 -8.52
N GLU A 25 3.58 1.42 -8.40
CA GLU A 25 3.44 2.63 -9.21
C GLU A 25 4.65 3.47 -8.88
N GLU A 26 4.68 3.92 -7.63
CA GLU A 26 5.81 4.75 -7.12
C GLU A 26 7.11 4.18 -7.71
N GLY A 27 7.25 2.91 -7.44
CA GLY A 27 8.45 2.17 -7.94
C GLY A 27 9.17 1.40 -6.85
N ARG A 28 8.40 0.74 -6.04
CA ARG A 28 8.96 -0.08 -4.92
C ARG A 28 8.79 -1.56 -5.33
N SER A 29 8.91 -2.45 -4.38
CA SER A 29 8.75 -3.89 -4.71
C SER A 29 7.27 -4.14 -4.87
N SER A 30 6.56 -3.67 -3.88
CA SER A 30 5.10 -3.82 -3.86
C SER A 30 4.68 -3.26 -2.55
N GLY A 31 3.41 -3.02 -2.50
CA GLY A 31 2.80 -2.46 -1.28
C GLY A 31 1.84 -3.50 -0.74
N HIS A 32 1.87 -3.69 0.54
CA HIS A 32 0.96 -4.71 1.16
C HIS A 32 0.02 -3.98 2.07
N CYS A 33 -1.03 -4.66 2.44
CA CYS A 33 -2.01 -4.00 3.36
C CYS A 33 -1.54 -4.26 4.78
N SER A 34 -2.21 -3.60 5.68
CA SER A 34 -1.90 -3.72 7.13
C SER A 34 -3.17 -4.04 7.88
N PRO A 35 -3.06 -4.77 8.98
CA PRO A 35 -4.21 -5.04 9.87
C PRO A 35 -4.88 -3.74 10.33
N SER A 36 -4.13 -2.67 10.33
CA SER A 36 -4.71 -1.36 10.78
C SER A 36 -5.10 -0.65 9.48
N LEU A 37 -5.87 -1.39 8.72
CA LEU A 37 -6.44 -0.98 7.39
C LEU A 37 -5.62 0.08 6.67
N LYS A 38 -4.38 -0.26 6.46
CA LYS A 38 -3.48 0.70 5.77
C LYS A 38 -2.64 -0.01 4.67
N CYS A 39 -2.11 0.81 3.79
CA CYS A 39 -1.27 0.37 2.65
C CYS A 39 0.18 0.75 2.83
N TRP A 40 0.99 -0.25 2.92
CA TRP A 40 2.41 -0.09 3.10
C TRP A 40 3.06 -0.44 1.81
N CYS A 41 4.21 0.10 1.70
CA CYS A 41 5.06 -0.09 0.52
C CYS A 41 6.27 -0.85 1.07
N GLU A 42 6.73 -1.76 0.28
CA GLU A 42 7.89 -2.61 0.64
C GLU A 42 8.96 -2.32 -0.42
N GLY A 43 10.12 -1.97 0.06
CA GLY A 43 11.28 -1.64 -0.83
C GLY A 43 11.63 -0.19 -0.55
N CYS A 44 11.78 0.11 0.70
CA CYS A 44 12.12 1.47 1.21
C CYS A 44 12.75 1.26 2.61
N ASP A 1 9.72 0.74 5.58
CA ASP A 1 8.56 1.04 4.71
C ASP A 1 7.99 2.35 5.18
N CYS A 2 7.28 2.94 4.26
CA CYS A 2 6.62 4.25 4.47
C CYS A 2 5.20 4.09 3.98
N LEU A 3 4.42 5.12 4.08
CA LEU A 3 3.01 5.03 3.61
C LEU A 3 2.82 5.65 2.25
N SER A 4 1.77 5.21 1.60
CA SER A 4 1.46 5.73 0.26
C SER A 4 1.04 7.22 0.35
N GLY A 5 1.09 7.85 -0.79
CA GLY A 5 0.72 9.30 -0.90
C GLY A 5 -0.58 9.44 -1.68
N ARG A 6 -0.79 8.53 -2.59
CA ARG A 6 -2.02 8.54 -3.44
C ARG A 6 -3.07 7.59 -2.83
N TYR A 7 -2.65 6.50 -2.24
CA TYR A 7 -3.63 5.54 -1.63
C TYR A 7 -4.29 6.22 -0.43
N LYS A 8 -5.53 5.92 -0.19
CA LYS A 8 -6.27 6.52 0.97
C LYS A 8 -7.44 5.59 1.33
N GLY A 9 -7.91 5.69 2.54
CA GLY A 9 -9.06 4.82 2.96
C GLY A 9 -8.59 3.78 3.99
N PRO A 10 -9.48 2.91 4.42
CA PRO A 10 -9.07 1.63 5.07
C PRO A 10 -8.63 0.53 4.08
N CYS A 11 -7.59 -0.19 4.45
CA CYS A 11 -7.05 -1.30 3.60
C CYS A 11 -7.33 -2.65 4.27
N ALA A 12 -8.20 -3.43 3.71
CA ALA A 12 -8.53 -4.77 4.31
C ALA A 12 -8.25 -5.88 3.28
N VAL A 13 -8.71 -7.08 3.55
CA VAL A 13 -8.51 -8.22 2.65
C VAL A 13 -8.89 -7.95 1.18
N TRP A 14 -9.64 -6.90 0.94
CA TRP A 14 -10.04 -6.59 -0.46
C TRP A 14 -9.22 -5.46 -1.08
N ASP A 15 -8.26 -4.99 -0.33
CA ASP A 15 -7.37 -3.89 -0.80
C ASP A 15 -5.89 -4.29 -0.95
N ASN A 16 -5.51 -5.38 -0.34
CA ASN A 16 -4.08 -5.85 -0.44
C ASN A 16 -3.43 -5.57 -1.81
N GLU A 17 -4.00 -6.17 -2.83
CA GLU A 17 -3.46 -5.98 -4.21
C GLU A 17 -3.39 -4.47 -4.48
N THR A 18 -4.45 -3.74 -4.16
CA THR A 18 -4.46 -2.24 -4.39
C THR A 18 -3.05 -1.71 -4.04
N CYS A 19 -2.64 -2.00 -2.84
CA CYS A 19 -1.29 -1.55 -2.36
C CYS A 19 -0.23 -1.92 -3.40
N ARG A 20 -0.16 -3.18 -3.71
CA ARG A 20 0.84 -3.68 -4.70
C ARG A 20 0.82 -2.78 -5.95
N ARG A 21 -0.36 -2.40 -6.33
CA ARG A 21 -0.50 -1.52 -7.52
C ARG A 21 0.01 -0.13 -7.24
N VAL A 22 -0.56 0.51 -6.27
CA VAL A 22 -0.11 1.91 -5.98
C VAL A 22 1.38 2.00 -5.65
N CYS A 23 1.85 1.11 -4.85
CA CYS A 23 3.30 1.18 -4.50
C CYS A 23 4.10 0.85 -5.73
N LYS A 24 3.56 -0.03 -6.52
CA LYS A 24 4.36 -0.38 -7.74
C LYS A 24 4.36 0.89 -8.60
N GLU A 25 3.23 1.54 -8.66
CA GLU A 25 3.05 2.79 -9.43
C GLU A 25 4.17 3.76 -9.04
N GLU A 26 4.29 4.03 -7.77
CA GLU A 26 5.38 4.96 -7.29
C GLU A 26 6.71 4.41 -7.83
N GLY A 27 6.77 3.11 -7.91
CA GLY A 27 7.99 2.43 -8.43
C GLY A 27 8.70 1.70 -7.31
N ARG A 28 7.93 1.17 -6.38
CA ARG A 28 8.57 0.44 -5.26
C ARG A 28 8.55 -1.08 -5.49
N SER A 29 8.78 -1.81 -4.44
CA SER A 29 8.79 -3.31 -4.55
C SER A 29 7.32 -3.74 -4.40
N SER A 30 6.69 -3.29 -3.35
CA SER A 30 5.27 -3.70 -3.15
C SER A 30 4.69 -2.90 -2.03
N GLY A 31 3.41 -3.00 -1.94
CA GLY A 31 2.69 -2.28 -0.88
C GLY A 31 2.23 -3.42 -0.02
N HIS A 32 2.25 -3.21 1.25
CA HIS A 32 1.82 -4.27 2.19
C HIS A 32 0.67 -3.62 2.92
N CYS A 33 -0.30 -4.41 3.24
CA CYS A 33 -1.48 -3.82 3.96
C CYS A 33 -1.16 -4.05 5.43
N SER A 34 -1.69 -3.17 6.22
CA SER A 34 -1.49 -3.22 7.69
C SER A 34 -2.74 -3.74 8.40
N PRO A 35 -2.56 -4.36 9.54
CA PRO A 35 -3.70 -4.70 10.41
C PRO A 35 -4.52 -3.45 10.72
N SER A 36 -3.89 -2.30 10.75
CA SER A 36 -4.66 -1.06 11.07
C SER A 36 -5.24 -0.45 9.79
N LEU A 37 -5.73 -1.34 8.97
CA LEU A 37 -6.36 -0.98 7.67
C LEU A 37 -5.63 0.15 6.94
N LYS A 38 -4.37 -0.06 6.72
CA LYS A 38 -3.54 0.97 6.02
C LYS A 38 -2.65 0.36 4.90
N CYS A 39 -2.20 1.19 4.02
CA CYS A 39 -1.33 0.75 2.86
C CYS A 39 0.06 1.38 2.86
N TRP A 40 1.02 0.56 3.16
CA TRP A 40 2.43 0.95 3.21
C TRP A 40 3.11 0.48 1.98
N CYS A 41 4.13 1.17 1.63
CA CYS A 41 4.93 0.86 0.44
C CYS A 41 6.30 0.44 0.99
N GLU A 42 6.78 -0.62 0.40
CA GLU A 42 8.09 -1.22 0.76
C GLU A 42 9.15 -0.83 -0.27
N GLY A 43 10.18 -0.24 0.32
CA GLY A 43 11.39 0.28 -0.38
C GLY A 43 12.18 1.36 0.41
N CYS A 44 11.54 1.99 1.37
CA CYS A 44 12.23 3.05 2.19
C CYS A 44 12.72 2.54 3.54
N ASP A 1 9.15 0.86 6.44
CA ASP A 1 8.20 1.07 5.32
C ASP A 1 7.58 2.43 5.58
N CYS A 2 6.86 2.90 4.59
CA CYS A 2 6.16 4.22 4.66
C CYS A 2 4.68 3.93 4.39
N LEU A 3 3.81 4.83 4.72
CA LEU A 3 2.35 4.58 4.46
C LEU A 3 2.08 5.25 3.12
N SER A 4 1.18 4.75 2.32
CA SER A 4 0.95 5.44 1.03
C SER A 4 0.51 6.90 1.28
N GLY A 5 0.69 7.69 0.27
CA GLY A 5 0.29 9.14 0.34
C GLY A 5 -0.77 9.41 -0.72
N ARG A 6 -0.84 8.52 -1.69
CA ARG A 6 -1.83 8.64 -2.80
C ARG A 6 -3.01 7.70 -2.46
N TYR A 7 -2.74 6.64 -1.72
CA TYR A 7 -3.83 5.68 -1.36
C TYR A 7 -4.40 6.19 -0.04
N LYS A 8 -5.69 6.41 -0.01
CA LYS A 8 -6.31 6.90 1.25
C LYS A 8 -7.60 6.09 1.51
N GLY A 9 -7.63 5.41 2.63
CA GLY A 9 -8.82 4.58 3.00
C GLY A 9 -8.44 3.20 3.54
N PRO A 10 -9.39 2.47 4.08
CA PRO A 10 -9.12 1.12 4.64
C PRO A 10 -8.81 0.14 3.49
N CYS A 11 -7.94 -0.80 3.74
CA CYS A 11 -7.58 -1.81 2.69
C CYS A 11 -8.01 -3.19 3.14
N ALA A 12 -8.83 -3.82 2.36
CA ALA A 12 -9.31 -5.19 2.71
C ALA A 12 -8.66 -6.25 1.81
N VAL A 13 -8.94 -7.49 2.04
CA VAL A 13 -8.38 -8.61 1.26
C VAL A 13 -8.41 -8.41 -0.27
N TRP A 14 -9.33 -7.60 -0.72
CA TRP A 14 -9.48 -7.30 -2.18
C TRP A 14 -8.77 -6.01 -2.66
N ASP A 15 -8.11 -5.35 -1.76
CA ASP A 15 -7.37 -4.07 -2.06
C ASP A 15 -5.85 -4.19 -2.01
N ASN A 16 -5.31 -4.98 -1.14
CA ASN A 16 -3.80 -5.12 -1.08
C ASN A 16 -3.10 -4.93 -2.47
N GLU A 17 -3.60 -5.61 -3.47
CA GLU A 17 -2.99 -5.45 -4.85
C GLU A 17 -2.95 -3.96 -5.24
N THR A 18 -4.01 -3.26 -4.93
CA THR A 18 -4.10 -1.81 -5.24
C THR A 18 -2.84 -1.16 -4.74
N CYS A 19 -2.64 -1.41 -3.47
CA CYS A 19 -1.46 -0.85 -2.78
C CYS A 19 -0.27 -1.22 -3.63
N ARG A 20 -0.11 -2.50 -3.82
CA ARG A 20 1.01 -3.03 -4.64
C ARG A 20 1.35 -2.11 -5.82
N ARG A 21 0.31 -1.75 -6.54
CA ARG A 21 0.46 -0.85 -7.72
C ARG A 21 0.79 0.57 -7.27
N VAL A 22 0.00 1.12 -6.41
CA VAL A 22 0.25 2.53 -5.93
C VAL A 22 1.69 2.73 -5.41
N CYS A 23 2.08 1.80 -4.62
CA CYS A 23 3.44 1.85 -4.02
C CYS A 23 4.49 1.71 -5.10
N LYS A 24 4.14 0.93 -6.08
CA LYS A 24 5.12 0.72 -7.18
C LYS A 24 5.16 2.04 -7.94
N GLU A 25 4.00 2.59 -8.14
CA GLU A 25 3.81 3.88 -8.85
C GLU A 25 4.76 4.90 -8.21
N GLU A 26 4.56 5.11 -6.93
CA GLU A 26 5.39 6.08 -6.13
C GLU A 26 6.86 5.75 -6.44
N GLY A 27 7.12 4.49 -6.64
CA GLY A 27 8.50 4.02 -6.95
C GLY A 27 9.16 3.23 -5.85
N ARG A 28 8.37 2.50 -5.08
CA ARG A 28 8.94 1.68 -3.96
C ARG A 28 9.05 0.19 -4.39
N SER A 29 9.08 -0.68 -3.42
CA SER A 29 9.20 -2.14 -3.73
C SER A 29 7.79 -2.64 -3.99
N SER A 30 6.89 -2.29 -3.12
CA SER A 30 5.47 -2.72 -3.29
C SER A 30 4.63 -2.32 -2.08
N GLY A 31 3.36 -2.49 -2.24
CA GLY A 31 2.37 -2.14 -1.17
C GLY A 31 2.02 -3.45 -0.48
N HIS A 32 2.08 -3.36 0.81
CA HIS A 32 1.81 -4.47 1.77
C HIS A 32 0.76 -3.98 2.75
N CYS A 33 -0.47 -4.19 2.37
CA CYS A 33 -1.52 -3.72 3.31
C CYS A 33 -1.33 -4.45 4.63
N SER A 34 -1.83 -3.81 5.64
CA SER A 34 -1.73 -4.38 7.02
C SER A 34 -3.05 -5.03 7.39
N PRO A 35 -3.01 -6.03 8.23
CA PRO A 35 -4.23 -6.58 8.85
C PRO A 35 -5.07 -5.43 9.43
N SER A 36 -4.45 -4.34 9.83
CA SER A 36 -5.29 -3.24 10.39
C SER A 36 -5.91 -2.37 9.28
N LEU A 37 -6.29 -3.04 8.22
CA LEU A 37 -6.93 -2.42 7.01
C LEU A 37 -6.21 -1.20 6.47
N LYS A 38 -4.95 -1.31 6.21
CA LYS A 38 -4.24 -0.10 5.69
C LYS A 38 -3.25 -0.39 4.55
N CYS A 39 -2.93 0.65 3.82
CA CYS A 39 -1.99 0.60 2.62
C CYS A 39 -0.52 1.05 2.84
N TRP A 40 0.35 0.15 3.16
CA TRP A 40 1.75 0.51 3.37
C TRP A 40 2.56 0.27 2.15
N CYS A 41 3.60 1.01 2.02
CA CYS A 41 4.50 0.89 0.87
C CYS A 41 5.78 0.43 1.52
N GLU A 42 6.36 -0.54 0.89
CA GLU A 42 7.61 -1.14 1.37
C GLU A 42 8.67 -0.51 0.49
N GLY A 43 9.65 0.07 1.12
CA GLY A 43 10.74 0.73 0.34
C GLY A 43 11.32 1.97 1.06
N CYS A 44 10.69 2.37 2.14
CA CYS A 44 11.16 3.56 2.91
C CYS A 44 11.62 3.03 4.31
N ASP A 1 9.63 0.85 5.90
CA ASP A 1 8.43 0.95 4.99
C ASP A 1 7.69 2.21 5.38
N CYS A 2 6.65 2.53 4.65
CA CYS A 2 5.84 3.74 4.93
C CYS A 2 4.38 3.51 4.54
N LEU A 3 3.53 4.44 4.88
CA LEU A 3 2.07 4.32 4.53
C LEU A 3 1.88 5.22 3.35
N SER A 4 1.05 4.81 2.44
CA SER A 4 0.83 5.65 1.26
C SER A 4 0.37 7.03 1.66
N GLY A 5 0.96 7.99 1.01
CA GLY A 5 0.65 9.42 1.26
C GLY A 5 -0.54 9.77 0.37
N ARG A 6 -0.62 9.04 -0.71
CA ARG A 6 -1.72 9.25 -1.69
C ARG A 6 -2.90 8.26 -1.41
N TYR A 7 -2.64 7.00 -1.16
CA TYR A 7 -3.77 6.01 -0.90
C TYR A 7 -4.47 6.29 0.44
N LYS A 8 -5.73 6.62 0.38
CA LYS A 8 -6.52 6.90 1.63
C LYS A 8 -7.85 6.15 1.69
N GLY A 9 -7.91 5.22 2.60
CA GLY A 9 -9.17 4.43 2.78
C GLY A 9 -8.83 3.08 3.40
N PRO A 10 -9.84 2.29 3.71
CA PRO A 10 -9.66 0.90 4.18
C PRO A 10 -9.20 -0.05 3.06
N CYS A 11 -8.24 -0.85 3.41
CA CYS A 11 -7.64 -1.85 2.45
C CYS A 11 -7.88 -3.26 2.97
N ALA A 12 -8.70 -4.04 2.31
CA ALA A 12 -8.94 -5.44 2.80
C ALA A 12 -8.27 -6.44 1.84
N VAL A 13 -8.43 -7.72 2.08
CA VAL A 13 -7.83 -8.77 1.21
C VAL A 13 -7.97 -8.52 -0.30
N TRP A 14 -8.88 -7.66 -0.67
CA TRP A 14 -9.12 -7.34 -2.11
C TRP A 14 -8.54 -5.99 -2.55
N ASP A 15 -7.74 -5.39 -1.70
CA ASP A 15 -7.08 -4.07 -1.99
C ASP A 15 -5.55 -4.07 -1.93
N ASN A 16 -4.96 -5.06 -1.33
CA ASN A 16 -3.45 -5.08 -1.27
C ASN A 16 -2.82 -4.77 -2.63
N GLU A 17 -3.22 -5.50 -3.63
CA GLU A 17 -2.65 -5.26 -5.00
C GLU A 17 -2.83 -3.79 -5.37
N THR A 18 -3.83 -3.17 -4.81
CA THR A 18 -4.04 -1.73 -5.13
C THR A 18 -2.78 -1.05 -4.57
N CYS A 19 -2.51 -1.32 -3.31
CA CYS A 19 -1.30 -0.69 -2.67
C CYS A 19 -0.10 -1.13 -3.54
N ARG A 20 0.01 -2.39 -3.96
CA ARG A 20 1.19 -2.81 -4.83
C ARG A 20 1.37 -1.70 -5.88
N ARG A 21 0.41 -1.56 -6.76
CA ARG A 21 0.48 -0.49 -7.82
C ARG A 21 0.75 0.91 -7.23
N VAL A 22 0.00 1.40 -6.28
CA VAL A 22 0.31 2.80 -5.76
C VAL A 22 1.74 2.93 -5.20
N CYS A 23 2.15 1.90 -4.54
CA CYS A 23 3.52 1.91 -3.96
C CYS A 23 4.54 1.79 -5.09
N LYS A 24 4.19 0.99 -6.05
CA LYS A 24 5.11 0.81 -7.20
C LYS A 24 5.17 2.16 -7.91
N GLU A 25 4.03 2.78 -8.01
CA GLU A 25 3.82 4.11 -8.63
C GLU A 25 4.81 5.03 -7.94
N GLU A 26 4.62 5.20 -6.65
CA GLU A 26 5.54 6.06 -5.87
C GLU A 26 6.97 5.68 -6.32
N GLY A 27 7.21 4.40 -6.42
CA GLY A 27 8.56 3.93 -6.84
C GLY A 27 9.20 3.11 -5.78
N ARG A 28 8.38 2.36 -5.08
CA ARG A 28 8.86 1.50 -3.98
C ARG A 28 8.82 0.03 -4.44
N SER A 29 8.99 -0.88 -3.52
CA SER A 29 8.98 -2.35 -3.81
C SER A 29 7.55 -2.77 -4.12
N SER A 30 6.68 -2.39 -3.22
CA SER A 30 5.24 -2.72 -3.36
C SER A 30 4.51 -2.48 -2.06
N GLY A 31 3.25 -2.20 -2.16
CA GLY A 31 2.49 -1.96 -0.92
C GLY A 31 2.00 -3.30 -0.44
N HIS A 32 1.92 -3.40 0.87
CA HIS A 32 1.46 -4.70 1.45
C HIS A 32 0.29 -4.54 2.40
N CYS A 33 -0.20 -3.32 2.46
CA CYS A 33 -1.35 -2.96 3.35
C CYS A 33 -1.23 -3.50 4.78
N SER A 34 -2.23 -3.28 5.60
CA SER A 34 -2.20 -3.75 7.02
C SER A 34 -3.42 -4.64 7.23
N PRO A 35 -3.35 -5.48 8.24
CA PRO A 35 -4.57 -6.07 8.83
C PRO A 35 -5.55 -4.98 9.28
N SER A 36 -5.04 -3.85 9.71
CA SER A 36 -5.94 -2.76 10.17
C SER A 36 -6.31 -1.89 8.97
N LEU A 37 -6.85 -2.59 8.02
CA LEU A 37 -7.32 -2.03 6.72
C LEU A 37 -6.60 -0.75 6.32
N LYS A 38 -5.32 -0.87 6.13
CA LYS A 38 -4.52 0.34 5.73
C LYS A 38 -3.57 0.00 4.56
N CYS A 39 -3.06 0.98 3.87
CA CYS A 39 -2.12 0.78 2.71
C CYS A 39 -0.63 1.12 2.97
N TRP A 40 0.19 0.11 3.10
CA TRP A 40 1.61 0.32 3.35
C TRP A 40 2.30 0.10 2.06
N CYS A 41 3.34 0.82 1.93
CA CYS A 41 4.23 0.81 0.77
C CYS A 41 5.51 0.25 1.37
N GLU A 42 6.07 -0.70 0.67
CA GLU A 42 7.32 -1.33 1.16
C GLU A 42 8.37 -0.91 0.15
N GLY A 43 9.51 -0.54 0.70
CA GLY A 43 10.72 -0.08 -0.05
C GLY A 43 10.95 1.37 0.36
N CYS A 44 10.77 1.65 1.61
CA CYS A 44 10.95 3.04 2.13
C CYS A 44 12.14 3.07 3.10
N ASP A 1 10.00 0.47 6.06
CA ASP A 1 8.80 0.64 5.17
C ASP A 1 8.06 1.87 5.69
N CYS A 2 7.03 2.27 4.99
CA CYS A 2 6.24 3.47 5.40
C CYS A 2 4.80 3.26 4.91
N LEU A 3 3.91 4.16 5.24
CA LEU A 3 2.49 4.00 4.79
C LEU A 3 2.28 4.76 3.48
N SER A 4 1.27 4.40 2.73
CA SER A 4 1.06 5.15 1.45
C SER A 4 0.51 6.55 1.79
N GLY A 5 0.62 7.42 0.82
CA GLY A 5 0.14 8.83 0.98
C GLY A 5 -0.97 9.10 -0.01
N ARG A 6 -0.80 8.68 -1.25
CA ARG A 6 -1.91 8.96 -2.22
C ARG A 6 -3.05 7.91 -2.03
N TYR A 7 -2.86 6.90 -1.20
CA TYR A 7 -3.95 5.87 -1.00
C TYR A 7 -4.60 6.29 0.33
N LYS A 8 -5.91 6.49 0.31
CA LYS A 8 -6.63 6.90 1.56
C LYS A 8 -8.02 6.26 1.72
N GLY A 9 -7.98 4.99 1.94
CA GLY A 9 -9.24 4.21 2.14
C GLY A 9 -8.94 3.08 3.12
N PRO A 10 -9.89 2.21 3.37
CA PRO A 10 -9.59 0.88 3.97
C PRO A 10 -9.04 -0.08 2.89
N CYS A 11 -8.18 -0.94 3.34
CA CYS A 11 -7.55 -1.96 2.44
C CYS A 11 -7.81 -3.36 2.97
N ALA A 12 -8.50 -4.18 2.23
CA ALA A 12 -8.77 -5.56 2.72
C ALA A 12 -8.17 -6.57 1.71
N VAL A 13 -8.55 -7.82 1.83
CA VAL A 13 -8.04 -8.85 0.92
C VAL A 13 -8.18 -8.51 -0.58
N TRP A 14 -9.07 -7.59 -0.89
CA TRP A 14 -9.31 -7.16 -2.30
C TRP A 14 -8.68 -5.81 -2.63
N ASP A 15 -7.91 -5.30 -1.70
CA ASP A 15 -7.22 -3.99 -1.91
C ASP A 15 -5.75 -4.19 -1.99
N ASN A 16 -5.12 -4.96 -1.12
CA ASN A 16 -3.62 -5.17 -1.22
C ASN A 16 -2.95 -4.81 -2.59
N GLU A 17 -3.45 -5.36 -3.66
CA GLU A 17 -2.85 -5.06 -5.02
C GLU A 17 -2.77 -3.52 -5.22
N THR A 18 -3.81 -2.85 -4.83
CA THR A 18 -3.93 -1.37 -4.91
C THR A 18 -2.66 -0.80 -4.24
N CYS A 19 -2.27 -1.34 -3.10
CA CYS A 19 -1.06 -0.83 -2.40
C CYS A 19 0.09 -1.11 -3.34
N ARG A 20 0.20 -2.32 -3.81
CA ARG A 20 1.32 -2.67 -4.76
C ARG A 20 1.41 -1.52 -5.77
N ARG A 21 0.32 -1.32 -6.48
CA ARG A 21 0.23 -0.25 -7.50
C ARG A 21 0.66 1.11 -6.93
N VAL A 22 -0.01 1.60 -5.92
CA VAL A 22 0.37 2.95 -5.35
C VAL A 22 1.84 3.02 -4.94
N CYS A 23 2.25 2.05 -4.19
CA CYS A 23 3.67 2.05 -3.73
C CYS A 23 4.59 1.97 -4.94
N LYS A 24 4.18 1.17 -5.87
CA LYS A 24 5.02 0.99 -7.10
C LYS A 24 5.07 2.34 -7.81
N GLU A 25 3.92 2.97 -7.84
CA GLU A 25 3.72 4.28 -8.46
C GLU A 25 4.76 5.22 -7.86
N GLU A 26 4.73 5.31 -6.55
CA GLU A 26 5.70 6.19 -5.85
C GLU A 26 7.10 5.80 -6.40
N GLY A 27 7.32 4.51 -6.41
CA GLY A 27 8.63 3.99 -6.92
C GLY A 27 9.30 3.12 -5.88
N ARG A 28 8.51 2.37 -5.16
CA ARG A 28 9.08 1.48 -4.11
C ARG A 28 9.15 0.03 -4.61
N SER A 29 9.15 -0.94 -3.74
CA SER A 29 9.21 -2.38 -4.19
C SER A 29 7.75 -2.78 -4.44
N SER A 30 6.96 -2.55 -3.44
CA SER A 30 5.51 -2.88 -3.50
C SER A 30 4.92 -2.46 -2.20
N GLY A 31 3.64 -2.32 -2.20
CA GLY A 31 2.93 -1.90 -1.00
C GLY A 31 2.23 -3.15 -0.55
N HIS A 32 2.11 -3.23 0.73
CA HIS A 32 1.44 -4.43 1.30
C HIS A 32 0.28 -3.88 2.06
N CYS A 33 -0.65 -4.73 2.36
CA CYS A 33 -1.84 -4.28 3.12
C CYS A 33 -1.54 -4.55 4.57
N SER A 34 -2.28 -3.88 5.41
CA SER A 34 -2.14 -3.99 6.88
C SER A 34 -3.42 -4.50 7.53
N PRO A 35 -3.31 -5.23 8.60
CA PRO A 35 -4.49 -5.63 9.40
C PRO A 35 -5.34 -4.42 9.77
N SER A 36 -4.73 -3.26 9.79
CA SER A 36 -5.51 -2.04 10.16
C SER A 36 -6.02 -1.34 8.91
N LEU A 37 -6.45 -2.20 8.02
CA LEU A 37 -7.03 -1.82 6.68
C LEU A 37 -6.30 -0.68 6.03
N LYS A 38 -5.01 -0.83 6.02
CA LYS A 38 -4.17 0.23 5.42
C LYS A 38 -3.11 -0.31 4.46
N CYS A 39 -2.70 0.56 3.58
CA CYS A 39 -1.68 0.25 2.56
C CYS A 39 -0.32 0.84 2.89
N TRP A 40 0.62 -0.01 3.01
CA TRP A 40 1.99 0.34 3.31
C TRP A 40 2.70 0.20 2.02
N CYS A 41 3.82 0.83 2.02
CA CYS A 41 4.71 0.84 0.86
C CYS A 41 5.96 0.18 1.45
N GLU A 42 6.47 -0.72 0.68
CA GLU A 42 7.68 -1.47 1.08
C GLU A 42 8.80 -1.04 0.16
N GLY A 43 9.82 -0.57 0.83
CA GLY A 43 11.05 -0.07 0.17
C GLY A 43 11.16 1.38 0.58
N CYS A 44 11.11 1.57 1.87
CA CYS A 44 11.20 2.92 2.45
C CYS A 44 12.21 2.63 3.56
N ASP A 1 9.14 2.24 6.24
CA ASP A 1 7.86 2.16 5.47
C ASP A 1 7.05 3.39 5.83
N CYS A 2 6.31 3.85 4.86
CA CYS A 2 5.43 5.07 5.02
C CYS A 2 4.05 4.71 4.46
N LEU A 3 3.10 5.61 4.59
CA LEU A 3 1.73 5.31 4.07
C LEU A 3 1.47 5.98 2.72
N SER A 4 0.80 5.27 1.86
CA SER A 4 0.50 5.83 0.54
C SER A 4 -0.35 7.10 0.63
N GLY A 5 0.19 8.18 0.15
CA GLY A 5 -0.55 9.48 0.19
C GLY A 5 -1.55 9.53 -0.97
N ARG A 6 -1.44 8.58 -1.88
CA ARG A 6 -2.38 8.53 -3.05
C ARG A 6 -3.51 7.53 -2.77
N TYR A 7 -3.16 6.44 -2.13
CA TYR A 7 -4.15 5.38 -1.79
C TYR A 7 -5.19 5.93 -0.83
N LYS A 8 -6.40 5.53 -1.03
CA LYS A 8 -7.51 5.98 -0.15
C LYS A 8 -8.41 4.81 0.14
N GLY A 9 -8.75 4.72 1.39
CA GLY A 9 -9.62 3.65 1.87
C GLY A 9 -8.81 2.86 2.90
N PRO A 10 -9.48 1.96 3.57
CA PRO A 10 -8.82 0.81 4.23
C PRO A 10 -8.34 -0.21 3.17
N CYS A 11 -7.43 -1.05 3.58
CA CYS A 11 -6.88 -2.10 2.65
C CYS A 11 -7.32 -3.41 3.26
N ALA A 12 -8.36 -4.01 2.75
CA ALA A 12 -8.81 -5.31 3.35
C ALA A 12 -8.09 -6.49 2.64
N VAL A 13 -8.41 -7.71 3.01
CA VAL A 13 -7.77 -8.89 2.38
C VAL A 13 -7.69 -8.83 0.84
N TRP A 14 -8.61 -8.11 0.26
CA TRP A 14 -8.69 -7.96 -1.22
C TRP A 14 -8.09 -6.68 -1.77
N ASP A 15 -7.32 -6.02 -0.94
CA ASP A 15 -6.66 -4.73 -1.34
C ASP A 15 -5.15 -4.74 -1.32
N ASN A 16 -4.53 -5.56 -0.51
CA ASN A 16 -3.03 -5.61 -0.47
C ASN A 16 -2.40 -5.40 -1.87
N GLU A 17 -2.92 -6.16 -2.78
CA GLU A 17 -2.45 -6.09 -4.20
C GLU A 17 -2.64 -4.66 -4.72
N THR A 18 -3.75 -4.05 -4.39
CA THR A 18 -4.00 -2.65 -4.86
C THR A 18 -2.75 -1.84 -4.44
N CYS A 19 -2.31 -2.06 -3.23
CA CYS A 19 -1.10 -1.32 -2.73
C CYS A 19 0.07 -1.56 -3.66
N ARG A 20 0.33 -2.80 -3.94
CA ARG A 20 1.47 -3.12 -4.85
C ARG A 20 1.40 -2.33 -6.15
N ARG A 21 0.20 -2.01 -6.54
CA ARG A 21 0.01 -1.22 -7.79
C ARG A 21 0.23 0.26 -7.50
N VAL A 22 -0.48 0.78 -6.54
CA VAL A 22 -0.34 2.24 -6.19
C VAL A 22 1.10 2.55 -5.75
N CYS A 23 1.57 1.81 -4.79
CA CYS A 23 2.95 2.05 -4.30
C CYS A 23 3.92 1.93 -5.48
N LYS A 24 3.65 0.95 -6.32
CA LYS A 24 4.56 0.78 -7.50
C LYS A 24 4.21 1.78 -8.62
N GLU A 25 3.12 2.49 -8.48
CA GLU A 25 2.77 3.48 -9.55
C GLU A 25 3.41 4.81 -9.11
N GLU A 26 3.33 5.11 -7.83
CA GLU A 26 3.91 6.36 -7.29
C GLU A 26 5.43 6.49 -7.41
N GLY A 27 6.09 5.36 -7.41
CA GLY A 27 7.58 5.37 -7.52
C GLY A 27 8.28 4.39 -6.59
N ARG A 28 7.53 3.69 -5.79
CA ARG A 28 8.14 2.69 -4.85
C ARG A 28 8.17 1.36 -5.58
N SER A 29 8.44 0.33 -4.83
CA SER A 29 8.51 -1.04 -5.44
C SER A 29 7.21 -1.80 -5.25
N SER A 30 6.58 -1.61 -4.13
CA SER A 30 5.29 -2.30 -3.80
C SER A 30 4.89 -1.80 -2.43
N GLY A 31 3.66 -2.03 -2.07
CA GLY A 31 3.20 -1.57 -0.73
C GLY A 31 3.02 -2.78 0.15
N HIS A 32 3.10 -2.54 1.42
CA HIS A 32 2.95 -3.65 2.39
C HIS A 32 1.78 -3.36 3.31
N CYS A 33 0.58 -3.45 2.79
CA CYS A 33 -0.61 -3.18 3.66
C CYS A 33 -0.45 -3.77 5.06
N SER A 34 -1.12 -3.11 5.96
CA SER A 34 -1.07 -3.55 7.38
C SER A 34 -1.82 -4.88 7.58
N PRO A 35 -1.37 -5.65 8.57
CA PRO A 35 -2.08 -6.86 9.07
C PRO A 35 -3.53 -6.53 9.40
N SER A 36 -3.79 -5.28 9.72
CA SER A 36 -5.19 -4.94 10.03
C SER A 36 -5.77 -4.59 8.67
N LEU A 37 -5.53 -3.39 8.17
CA LEU A 37 -6.08 -3.02 6.84
C LEU A 37 -5.76 -1.58 6.40
N LYS A 38 -4.51 -1.33 6.19
CA LYS A 38 -4.06 0.04 5.76
C LYS A 38 -3.07 -0.15 4.61
N CYS A 39 -2.84 0.88 3.85
CA CYS A 39 -1.88 0.76 2.69
C CYS A 39 -0.53 1.48 2.87
N TRP A 40 0.47 0.70 3.15
CA TRP A 40 1.82 1.19 3.36
C TRP A 40 2.61 0.93 2.10
N CYS A 41 3.60 1.73 1.93
CA CYS A 41 4.46 1.60 0.73
C CYS A 41 5.84 1.18 1.25
N GLU A 42 6.54 0.42 0.43
CA GLU A 42 7.90 -0.10 0.77
C GLU A 42 8.91 0.67 -0.13
N GLY A 43 9.91 1.21 0.54
CA GLY A 43 10.99 2.01 -0.13
C GLY A 43 11.00 3.46 0.44
N CYS A 44 10.27 3.63 1.51
CA CYS A 44 10.15 4.94 2.20
C CYS A 44 10.47 4.67 3.69
N ASP A 1 9.66 2.60 5.88
CA ASP A 1 8.50 2.61 4.95
C ASP A 1 7.61 3.75 5.38
N CYS A 2 6.63 4.01 4.56
CA CYS A 2 5.63 5.10 4.77
C CYS A 2 4.24 4.58 4.41
N LEU A 3 3.21 5.36 4.61
CA LEU A 3 1.84 4.85 4.26
C LEU A 3 1.56 5.38 2.86
N SER A 4 0.63 4.80 2.16
CA SER A 4 0.36 5.33 0.79
C SER A 4 -0.16 6.76 0.93
N GLY A 5 0.14 7.57 -0.05
CA GLY A 5 -0.32 8.99 -0.02
C GLY A 5 -1.41 9.21 -1.08
N ARG A 6 -1.67 8.13 -1.79
CA ARG A 6 -2.69 8.16 -2.89
C ARG A 6 -3.83 7.15 -2.49
N TYR A 7 -3.46 6.05 -1.87
CA TYR A 7 -4.46 5.02 -1.45
C TYR A 7 -5.24 5.66 -0.30
N LYS A 8 -6.53 5.66 -0.43
CA LYS A 8 -7.43 6.24 0.59
C LYS A 8 -8.50 5.23 0.99
N GLY A 9 -8.40 4.63 2.14
CA GLY A 9 -9.45 3.64 2.51
C GLY A 9 -8.84 2.48 3.27
N PRO A 10 -9.65 1.53 3.67
CA PRO A 10 -9.11 0.35 4.36
C PRO A 10 -8.46 -0.63 3.37
N CYS A 11 -7.53 -1.39 3.88
CA CYS A 11 -6.80 -2.39 3.05
C CYS A 11 -7.18 -3.76 3.61
N ALA A 12 -8.24 -4.30 3.09
CA ALA A 12 -8.70 -5.62 3.56
C ALA A 12 -7.94 -6.73 2.78
N VAL A 13 -8.27 -7.97 3.06
CA VAL A 13 -7.62 -9.12 2.39
C VAL A 13 -7.59 -9.05 0.85
N TRP A 14 -8.46 -8.25 0.31
CA TRP A 14 -8.56 -8.09 -1.16
C TRP A 14 -8.03 -6.74 -1.64
N ASP A 15 -7.36 -6.03 -0.77
CA ASP A 15 -6.79 -4.71 -1.14
C ASP A 15 -5.28 -4.80 -1.20
N ASN A 16 -4.64 -5.46 -0.27
CA ASN A 16 -3.13 -5.59 -0.27
C ASN A 16 -2.45 -5.40 -1.65
N GLU A 17 -2.88 -6.19 -2.60
CA GLU A 17 -2.32 -6.09 -4.00
C GLU A 17 -2.39 -4.62 -4.44
N THR A 18 -3.55 -4.06 -4.27
CA THR A 18 -3.81 -2.64 -4.64
C THR A 18 -2.64 -1.80 -4.10
N CYS A 19 -2.24 -2.05 -2.88
CA CYS A 19 -1.10 -1.24 -2.35
C CYS A 19 0.08 -1.56 -3.26
N ARG A 20 0.39 -2.79 -3.52
CA ARG A 20 1.55 -3.11 -4.41
C ARG A 20 1.54 -2.18 -5.64
N ARG A 21 0.42 -2.18 -6.30
CA ARG A 21 0.25 -1.33 -7.52
C ARG A 21 0.42 0.15 -7.23
N VAL A 22 -0.29 0.64 -6.26
CA VAL A 22 -0.19 2.10 -5.92
C VAL A 22 1.24 2.46 -5.48
N CYS A 23 1.76 1.70 -4.58
CA CYS A 23 3.14 1.96 -4.07
C CYS A 23 4.14 1.83 -5.20
N LYS A 24 3.80 0.97 -6.11
CA LYS A 24 4.73 0.78 -7.27
C LYS A 24 4.57 2.00 -8.18
N GLU A 25 3.35 2.40 -8.40
CA GLU A 25 3.08 3.56 -9.26
C GLU A 25 3.85 4.76 -8.68
N GLU A 26 3.77 4.97 -7.39
CA GLU A 26 4.50 6.09 -6.74
C GLU A 26 6.03 5.92 -6.98
N GLY A 27 6.44 4.69 -7.15
CA GLY A 27 7.90 4.44 -7.40
C GLY A 27 8.62 3.81 -6.23
N ARG A 28 7.89 3.09 -5.42
CA ARG A 28 8.53 2.44 -4.24
C ARG A 28 8.73 0.94 -4.56
N SER A 29 9.09 0.21 -3.55
CA SER A 29 9.33 -1.25 -3.73
C SER A 29 8.02 -1.93 -3.97
N SER A 30 7.12 -1.63 -3.08
CA SER A 30 5.75 -2.19 -3.11
C SER A 30 5.04 -1.78 -1.86
N GLY A 31 3.79 -2.09 -1.90
CA GLY A 31 2.91 -1.77 -0.77
C GLY A 31 2.83 -3.10 -0.02
N HIS A 32 2.78 -2.98 1.27
CA HIS A 32 2.69 -4.17 2.15
C HIS A 32 1.52 -3.84 3.03
N CYS A 33 0.45 -4.57 2.92
CA CYS A 33 -0.72 -4.24 3.78
C CYS A 33 -0.40 -4.57 5.25
N SER A 34 -1.24 -4.06 6.11
CA SER A 34 -1.03 -4.30 7.57
C SER A 34 -2.20 -5.17 8.08
N PRO A 35 -1.93 -6.02 9.04
CA PRO A 35 -2.98 -6.73 9.81
C PRO A 35 -4.13 -5.77 10.16
N SER A 36 -3.79 -4.53 10.36
CA SER A 36 -4.83 -3.52 10.71
C SER A 36 -5.20 -2.75 9.44
N LEU A 37 -5.60 -3.57 8.51
CA LEU A 37 -6.05 -3.19 7.14
C LEU A 37 -5.72 -1.76 6.67
N LYS A 38 -4.45 -1.56 6.58
CA LYS A 38 -3.88 -0.26 6.13
C LYS A 38 -2.95 -0.49 4.92
N CYS A 39 -2.77 0.54 4.15
CA CYS A 39 -1.90 0.50 2.92
C CYS A 39 -0.53 1.19 3.11
N TRP A 40 0.51 0.40 3.30
CA TRP A 40 1.85 0.93 3.49
C TRP A 40 2.62 0.75 2.22
N CYS A 41 3.52 1.63 2.03
CA CYS A 41 4.41 1.64 0.85
C CYS A 41 5.80 1.45 1.44
N GLU A 42 6.54 0.58 0.81
CA GLU A 42 7.92 0.22 1.22
C GLU A 42 8.85 0.88 0.23
N GLY A 43 9.82 1.62 0.71
CA GLY A 43 10.79 2.34 -0.19
C GLY A 43 10.74 3.84 0.17
N CYS A 44 10.92 4.08 1.44
CA CYS A 44 10.92 5.44 2.04
C CYS A 44 11.45 5.34 3.49
N ASP A 1 10.05 -0.09 5.87
CA ASP A 1 9.00 0.12 4.84
C ASP A 1 8.48 1.53 5.09
N CYS A 2 7.55 1.94 4.27
CA CYS A 2 6.94 3.31 4.40
C CYS A 2 5.45 3.22 4.03
N LEU A 3 4.75 4.30 4.23
CA LEU A 3 3.28 4.35 3.91
C LEU A 3 3.07 5.13 2.61
N SER A 4 2.12 4.69 1.84
CA SER A 4 1.87 5.39 0.57
C SER A 4 1.44 6.85 0.75
N GLY A 5 1.96 7.68 -0.11
CA GLY A 5 1.61 9.14 -0.06
C GLY A 5 0.47 9.43 -1.06
N ARG A 6 0.20 8.47 -1.91
CA ARG A 6 -0.88 8.64 -2.94
C ARG A 6 -2.17 7.85 -2.54
N TYR A 7 -2.02 6.72 -1.89
CA TYR A 7 -3.24 5.91 -1.49
C TYR A 7 -3.83 6.57 -0.23
N LYS A 8 -5.13 6.53 -0.08
CA LYS A 8 -5.79 7.14 1.12
C LYS A 8 -7.04 6.30 1.40
N GLY A 9 -7.55 6.36 2.60
CA GLY A 9 -8.77 5.56 2.95
C GLY A 9 -8.36 4.40 3.85
N PRO A 10 -9.31 3.70 4.40
CA PRO A 10 -9.03 2.39 5.06
C PRO A 10 -8.69 1.32 4.00
N CYS A 11 -7.74 0.48 4.31
CA CYS A 11 -7.31 -0.60 3.36
C CYS A 11 -7.79 -1.94 3.94
N ALA A 12 -8.71 -2.56 3.26
CA ALA A 12 -9.24 -3.89 3.74
C ALA A 12 -8.93 -5.00 2.70
N VAL A 13 -9.44 -6.18 2.92
CA VAL A 13 -9.19 -7.30 1.99
C VAL A 13 -9.39 -6.97 0.50
N TRP A 14 -10.17 -5.94 0.24
CA TRP A 14 -10.45 -5.55 -1.17
C TRP A 14 -9.62 -4.34 -1.68
N ASP A 15 -8.69 -3.93 -0.87
CA ASP A 15 -7.77 -2.77 -1.18
C ASP A 15 -6.27 -3.12 -1.22
N ASN A 16 -5.90 -4.36 -1.05
CA ASN A 16 -4.42 -4.68 -1.08
C ASN A 16 -3.80 -4.52 -2.44
N GLU A 17 -4.41 -5.13 -3.41
CA GLU A 17 -3.89 -5.03 -4.81
C GLU A 17 -3.67 -3.55 -5.09
N THR A 18 -4.59 -2.73 -4.67
CA THR A 18 -4.47 -1.26 -4.88
C THR A 18 -3.07 -0.86 -4.37
N CYS A 19 -2.76 -1.34 -3.19
CA CYS A 19 -1.44 -1.02 -2.61
C CYS A 19 -0.44 -1.60 -3.62
N ARG A 20 -0.59 -2.84 -3.99
CA ARG A 20 0.37 -3.45 -4.99
C ARG A 20 0.64 -2.51 -6.18
N ARG A 21 -0.40 -1.95 -6.74
CA ARG A 21 -0.17 -1.04 -7.89
C ARG A 21 0.46 0.27 -7.45
N VAL A 22 -0.13 0.91 -6.48
CA VAL A 22 0.43 2.23 -6.00
C VAL A 22 1.90 2.11 -5.56
N CYS A 23 2.16 1.12 -4.78
CA CYS A 23 3.55 0.93 -4.29
C CYS A 23 4.43 0.58 -5.46
N LYS A 24 3.89 -0.22 -6.33
CA LYS A 24 4.72 -0.59 -7.51
C LYS A 24 5.00 0.69 -8.30
N GLU A 25 3.99 1.50 -8.34
CA GLU A 25 4.01 2.79 -9.04
C GLU A 25 5.18 3.61 -8.50
N GLU A 26 5.19 3.81 -7.20
CA GLU A 26 6.32 4.59 -6.57
C GLU A 26 7.62 3.94 -7.08
N GLY A 27 7.56 2.63 -7.15
CA GLY A 27 8.71 1.82 -7.64
C GLY A 27 9.24 0.90 -6.57
N ARG A 28 8.34 0.42 -5.76
CA ARG A 28 8.74 -0.51 -4.65
C ARG A 28 8.48 -1.97 -5.02
N SER A 29 8.47 -2.84 -4.05
CA SER A 29 8.23 -4.27 -4.36
C SER A 29 6.70 -4.41 -4.45
N SER A 30 6.00 -4.00 -3.43
CA SER A 30 4.51 -4.13 -3.50
C SER A 30 3.92 -3.45 -2.25
N GLY A 31 2.65 -3.17 -2.33
CA GLY A 31 1.96 -2.50 -1.19
C GLY A 31 1.39 -3.64 -0.38
N HIS A 32 1.56 -3.54 0.90
CA HIS A 32 1.05 -4.59 1.82
C HIS A 32 0.01 -3.85 2.63
N CYS A 33 -1.06 -4.55 2.92
CA CYS A 33 -2.12 -3.89 3.70
C CYS A 33 -1.83 -4.27 5.15
N SER A 34 -2.37 -3.45 6.00
CA SER A 34 -2.19 -3.65 7.47
C SER A 34 -3.52 -3.93 8.16
N PRO A 35 -3.51 -4.74 9.20
CA PRO A 35 -4.73 -4.99 10.00
C PRO A 35 -5.39 -3.68 10.39
N SER A 36 -4.61 -2.65 10.61
CA SER A 36 -5.25 -1.37 11.01
C SER A 36 -5.64 -0.52 9.80
N LEU A 37 -6.16 -1.23 8.84
CA LEU A 37 -6.64 -0.67 7.53
C LEU A 37 -5.74 0.42 6.94
N LYS A 38 -4.52 0.02 6.64
CA LYS A 38 -3.55 0.98 6.05
C LYS A 38 -2.77 0.40 4.82
N CYS A 39 -2.22 1.31 4.04
CA CYS A 39 -1.43 0.94 2.80
C CYS A 39 0.09 1.22 2.89
N TRP A 40 0.81 0.19 3.18
CA TRP A 40 2.25 0.29 3.31
C TRP A 40 2.87 -0.16 2.03
N CYS A 41 4.02 0.36 1.79
CA CYS A 41 4.77 0.04 0.59
C CYS A 41 6.01 -0.65 1.14
N GLU A 42 6.32 -1.75 0.49
CA GLU A 42 7.51 -2.53 0.92
C GLU A 42 8.65 -2.30 -0.09
N GLY A 43 9.77 -1.96 0.48
CA GLY A 43 11.01 -1.67 -0.29
C GLY A 43 11.35 -0.20 -0.07
N CYS A 44 11.39 0.14 1.19
CA CYS A 44 11.69 1.54 1.61
C CYS A 44 12.70 1.28 2.74
N ASP A 1 10.14 1.06 5.21
CA ASP A 1 8.76 1.04 4.66
C ASP A 1 8.16 2.40 4.96
N CYS A 2 7.17 2.71 4.20
CA CYS A 2 6.45 4.00 4.34
C CYS A 2 4.96 3.65 4.08
N LEU A 3 4.07 4.56 4.40
CA LEU A 3 2.62 4.28 4.16
C LEU A 3 2.37 4.93 2.81
N SER A 4 1.39 4.52 2.08
CA SER A 4 1.20 5.19 0.76
C SER A 4 0.75 6.66 0.89
N GLY A 5 1.37 7.53 0.12
CA GLY A 5 1.00 8.99 0.17
C GLY A 5 -0.30 9.23 -0.62
N ARG A 6 -0.58 8.33 -1.52
CA ARG A 6 -1.82 8.41 -2.38
C ARG A 6 -2.97 7.50 -1.88
N TYR A 7 -2.63 6.30 -1.45
CA TYR A 7 -3.69 5.35 -0.95
C TYR A 7 -4.31 5.85 0.37
N LYS A 8 -5.42 6.52 0.25
CA LYS A 8 -6.12 7.06 1.45
C LYS A 8 -7.52 6.48 1.78
N GLY A 9 -7.53 5.23 2.14
CA GLY A 9 -8.82 4.54 2.49
C GLY A 9 -8.50 3.40 3.46
N PRO A 10 -9.50 2.64 3.87
CA PRO A 10 -9.27 1.33 4.55
C PRO A 10 -8.76 0.29 3.54
N CYS A 11 -7.85 -0.52 4.00
CA CYS A 11 -7.26 -1.60 3.13
C CYS A 11 -7.67 -2.97 3.69
N ALA A 12 -8.48 -3.70 2.99
CA ALA A 12 -8.92 -5.05 3.47
C ALA A 12 -8.41 -6.14 2.50
N VAL A 13 -8.82 -7.35 2.71
CA VAL A 13 -8.39 -8.48 1.84
C VAL A 13 -8.55 -8.19 0.34
N TRP A 14 -9.42 -7.26 0.03
CA TRP A 14 -9.68 -6.89 -1.40
C TRP A 14 -8.96 -5.62 -1.86
N ASP A 15 -8.01 -5.18 -1.07
CA ASP A 15 -7.21 -3.94 -1.38
C ASP A 15 -5.70 -4.23 -1.49
N ASN A 16 -5.21 -5.25 -0.84
CA ASN A 16 -3.73 -5.54 -0.95
C ASN A 16 -3.12 -5.25 -2.33
N GLU A 17 -3.62 -5.94 -3.31
CA GLU A 17 -3.10 -5.75 -4.71
C GLU A 17 -3.10 -4.25 -5.02
N THR A 18 -4.15 -3.56 -4.68
CA THR A 18 -4.25 -2.09 -4.92
C THR A 18 -2.91 -1.51 -4.41
N CYS A 19 -2.57 -1.88 -3.22
CA CYS A 19 -1.28 -1.40 -2.59
C CYS A 19 -0.10 -1.72 -3.54
N ARG A 20 -0.12 -2.89 -4.11
CA ARG A 20 0.96 -3.30 -5.05
C ARG A 20 1.04 -2.34 -6.23
N ARG A 21 -0.09 -1.97 -6.74
CA ARG A 21 -0.13 -1.03 -7.92
C ARG A 21 0.31 0.37 -7.44
N VAL A 22 -0.45 0.91 -6.53
CA VAL A 22 -0.14 2.29 -6.00
C VAL A 22 1.32 2.40 -5.57
N CYS A 23 1.77 1.44 -4.85
CA CYS A 23 3.21 1.51 -4.40
C CYS A 23 4.13 1.34 -5.60
N LYS A 24 3.71 0.50 -6.50
CA LYS A 24 4.58 0.29 -7.70
C LYS A 24 4.57 1.59 -8.52
N GLU A 25 3.52 2.33 -8.36
CA GLU A 25 3.35 3.63 -9.06
C GLU A 25 4.29 4.65 -8.42
N GLU A 26 4.21 4.81 -7.10
CA GLU A 26 5.11 5.78 -6.39
C GLU A 26 6.52 5.45 -6.90
N GLY A 27 6.79 4.17 -6.94
CA GLY A 27 8.10 3.69 -7.43
C GLY A 27 8.88 3.01 -6.33
N ARG A 28 8.15 2.27 -5.53
CA ARG A 28 8.82 1.53 -4.41
C ARG A 28 8.96 0.14 -5.06
N SER A 29 8.16 -0.79 -4.63
CA SER A 29 8.19 -2.17 -5.17
C SER A 29 6.75 -2.62 -5.21
N SER A 30 6.19 -2.67 -4.04
CA SER A 30 4.78 -3.12 -3.92
C SER A 30 4.20 -2.65 -2.59
N GLY A 31 2.94 -2.81 -2.37
CA GLY A 31 2.36 -2.36 -1.09
C GLY A 31 1.88 -3.60 -0.40
N HIS A 32 1.91 -3.53 0.90
CA HIS A 32 1.46 -4.68 1.73
C HIS A 32 0.36 -4.07 2.57
N CYS A 33 -0.61 -4.85 2.94
CA CYS A 33 -1.71 -4.25 3.75
C CYS A 33 -1.38 -4.45 5.23
N SER A 34 -2.07 -3.68 6.05
CA SER A 34 -1.88 -3.72 7.53
C SER A 34 -3.10 -4.28 8.26
N PRO A 35 -2.88 -4.99 9.36
CA PRO A 35 -4.01 -5.45 10.21
C PRO A 35 -4.91 -4.26 10.59
N SER A 36 -4.37 -3.08 10.55
CA SER A 36 -5.23 -1.91 10.91
C SER A 36 -5.79 -1.29 9.62
N LEU A 37 -6.18 -2.16 8.73
CA LEU A 37 -6.76 -1.77 7.40
C LEU A 37 -6.06 -0.56 6.79
N LYS A 38 -4.77 -0.70 6.70
CA LYS A 38 -3.93 0.40 6.14
C LYS A 38 -2.99 -0.10 5.01
N CYS A 39 -2.57 0.81 4.19
CA CYS A 39 -1.66 0.45 3.05
C CYS A 39 -0.21 0.96 3.11
N TRP A 40 0.69 0.04 3.19
CA TRP A 40 2.10 0.38 3.27
C TRP A 40 2.70 0.05 1.95
N CYS A 41 3.71 0.79 1.67
CA CYS A 41 4.44 0.62 0.41
C CYS A 41 5.71 0.02 0.96
N GLU A 42 6.25 -0.85 0.18
CA GLU A 42 7.49 -1.57 0.53
C GLU A 42 8.41 -1.19 -0.63
N GLY A 43 9.61 -0.76 -0.28
CA GLY A 43 10.65 -0.32 -1.29
C GLY A 43 11.27 1.02 -0.89
N CYS A 44 10.80 1.54 0.20
CA CYS A 44 11.25 2.85 0.77
C CYS A 44 11.86 2.60 2.17
N ASP A 1 9.93 2.15 5.64
CA ASP A 1 8.70 2.01 4.81
C ASP A 1 7.88 3.26 5.09
N CYS A 2 6.98 3.52 4.17
CA CYS A 2 6.06 4.71 4.27
C CYS A 2 4.59 4.31 4.01
N LEU A 3 3.69 5.21 4.30
CA LEU A 3 2.22 4.97 4.12
C LEU A 3 1.81 5.69 2.84
N SER A 4 1.02 5.04 2.03
CA SER A 4 0.57 5.64 0.75
C SER A 4 -0.21 6.95 0.74
N GLY A 5 0.49 8.04 0.86
CA GLY A 5 -0.11 9.42 0.84
C GLY A 5 -1.35 9.56 -0.09
N ARG A 6 -1.31 8.77 -1.14
CA ARG A 6 -2.37 8.71 -2.18
C ARG A 6 -3.49 7.65 -1.90
N TYR A 7 -3.17 6.56 -1.23
CA TYR A 7 -4.21 5.51 -0.92
C TYR A 7 -4.79 5.85 0.44
N LYS A 8 -6.09 5.74 0.53
CA LYS A 8 -6.72 6.07 1.84
C LYS A 8 -7.91 5.12 1.97
N GLY A 9 -8.35 4.93 3.18
CA GLY A 9 -9.52 4.01 3.43
C GLY A 9 -8.95 2.76 4.13
N PRO A 10 -9.80 1.90 4.64
CA PRO A 10 -9.36 0.56 5.09
C PRO A 10 -8.91 -0.33 3.92
N CYS A 11 -7.86 -1.08 4.12
CA CYS A 11 -7.34 -1.99 3.06
C CYS A 11 -7.60 -3.43 3.49
N ALA A 12 -8.46 -4.09 2.78
CA ALA A 12 -8.79 -5.51 3.10
C ALA A 12 -8.23 -6.45 2.02
N VAL A 13 -8.59 -7.71 2.09
CA VAL A 13 -8.13 -8.73 1.12
C VAL A 13 -8.23 -8.31 -0.35
N TRP A 14 -9.08 -7.36 -0.62
CA TRP A 14 -9.27 -6.86 -2.02
C TRP A 14 -8.61 -5.50 -2.27
N ASP A 15 -7.83 -5.04 -1.33
CA ASP A 15 -7.14 -3.72 -1.48
C ASP A 15 -5.62 -3.81 -1.53
N ASN A 16 -5.08 -4.96 -1.25
CA ASN A 16 -3.57 -5.10 -1.27
C ASN A 16 -3.03 -4.86 -2.65
N GLU A 17 -3.62 -5.54 -3.57
CA GLU A 17 -3.18 -5.39 -5.00
C GLU A 17 -3.15 -3.88 -5.25
N THR A 18 -4.18 -3.23 -4.79
CA THR A 18 -4.31 -1.76 -4.97
C THR A 18 -2.99 -1.18 -4.48
N CYS A 19 -2.62 -1.57 -3.29
CA CYS A 19 -1.34 -1.07 -2.73
C CYS A 19 -0.27 -1.46 -3.76
N ARG A 20 -0.18 -2.69 -4.16
CA ARG A 20 0.86 -3.06 -5.17
C ARG A 20 0.91 -2.13 -6.38
N ARG A 21 -0.22 -1.63 -6.82
CA ARG A 21 -0.18 -0.70 -8.00
C ARG A 21 0.18 0.69 -7.50
N VAL A 22 -0.48 1.18 -6.50
CA VAL A 22 -0.15 2.56 -5.99
C VAL A 22 1.32 2.67 -5.54
N CYS A 23 1.72 1.75 -4.71
CA CYS A 23 3.14 1.80 -4.22
C CYS A 23 4.06 1.68 -5.40
N LYS A 24 3.63 0.88 -6.33
CA LYS A 24 4.50 0.72 -7.51
C LYS A 24 4.55 2.08 -8.20
N GLU A 25 3.40 2.67 -8.37
CA GLU A 25 3.28 3.98 -9.01
C GLU A 25 4.28 4.97 -8.39
N GLU A 26 4.26 5.09 -7.08
CA GLU A 26 5.22 6.02 -6.39
C GLU A 26 6.63 5.66 -6.88
N GLY A 27 6.79 4.39 -7.09
CA GLY A 27 8.08 3.83 -7.57
C GLY A 27 8.73 2.98 -6.50
N ARG A 28 7.93 2.26 -5.75
CA ARG A 28 8.46 1.37 -4.66
C ARG A 28 8.44 -0.11 -5.08
N SER A 29 8.52 -1.02 -4.12
CA SER A 29 8.51 -2.46 -4.50
C SER A 29 7.06 -2.93 -4.52
N SER A 30 6.32 -2.71 -3.45
CA SER A 30 4.89 -3.12 -3.40
C SER A 30 4.21 -2.62 -2.15
N GLY A 31 2.93 -2.46 -2.26
CA GLY A 31 2.18 -1.98 -1.10
C GLY A 31 2.00 -3.25 -0.27
N HIS A 32 2.30 -3.16 0.99
CA HIS A 32 2.19 -4.29 1.92
C HIS A 32 1.15 -3.88 2.92
N CYS A 33 -0.10 -4.09 2.60
CA CYS A 33 -1.15 -3.70 3.59
C CYS A 33 -0.93 -4.35 4.97
N SER A 34 -1.63 -3.79 5.93
CA SER A 34 -1.54 -4.28 7.35
C SER A 34 -2.83 -4.94 7.81
N PRO A 35 -2.72 -5.86 8.75
CA PRO A 35 -3.90 -6.44 9.40
C PRO A 35 -4.82 -5.34 9.94
N SER A 36 -4.26 -4.20 10.27
CA SER A 36 -5.11 -3.08 10.82
C SER A 36 -5.61 -2.21 9.63
N LEU A 37 -6.00 -2.94 8.61
CA LEU A 37 -6.55 -2.39 7.32
C LEU A 37 -5.87 -1.10 6.84
N LYS A 38 -4.60 -1.22 6.57
CA LYS A 38 -3.82 -0.03 6.10
C LYS A 38 -2.98 -0.34 4.84
N CYS A 39 -2.52 0.68 4.14
CA CYS A 39 -1.68 0.52 2.88
C CYS A 39 -0.21 1.03 2.99
N TRP A 40 0.71 0.16 3.30
CA TRP A 40 2.10 0.59 3.41
C TRP A 40 2.76 0.37 2.09
N CYS A 41 3.74 1.14 1.85
CA CYS A 41 4.49 1.04 0.59
C CYS A 41 5.84 0.57 1.11
N GLU A 42 6.44 -0.33 0.37
CA GLU A 42 7.77 -0.84 0.81
C GLU A 42 8.80 -0.29 -0.18
N GLY A 43 9.85 0.28 0.36
CA GLY A 43 10.96 0.87 -0.45
C GLY A 43 11.06 2.38 -0.15
N CYS A 44 11.01 2.68 1.12
CA CYS A 44 11.10 4.07 1.65
C CYS A 44 12.05 3.89 2.84
N ASP A 1 9.36 2.59 6.35
CA ASP A 1 8.28 2.65 5.32
C ASP A 1 7.30 3.71 5.75
N CYS A 2 6.35 3.98 4.90
CA CYS A 2 5.32 5.03 5.23
C CYS A 2 3.92 4.61 4.73
N LEU A 3 2.90 5.43 4.85
CA LEU A 3 1.52 5.02 4.38
C LEU A 3 1.19 5.67 3.04
N SER A 4 0.39 5.03 2.24
CA SER A 4 0.03 5.62 0.93
C SER A 4 -0.92 6.82 0.99
N GLY A 5 -0.36 8.00 1.15
CA GLY A 5 -1.20 9.25 1.21
C GLY A 5 -2.10 9.40 -0.04
N ARG A 6 -1.91 8.54 -1.01
CA ARG A 6 -2.73 8.60 -2.25
C ARG A 6 -3.74 7.43 -2.23
N TYR A 7 -3.48 6.41 -1.45
CA TYR A 7 -4.42 5.24 -1.40
C TYR A 7 -5.43 5.62 -0.33
N LYS A 8 -6.66 5.25 -0.52
CA LYS A 8 -7.69 5.60 0.48
C LYS A 8 -8.60 4.38 0.57
N GLY A 9 -9.17 4.22 1.73
CA GLY A 9 -10.09 3.07 1.96
C GLY A 9 -9.37 2.12 2.91
N PRO A 10 -10.06 1.10 3.34
CA PRO A 10 -9.43 -0.05 4.04
C PRO A 10 -8.74 -1.01 3.03
N CYS A 11 -7.69 -1.66 3.47
CA CYS A 11 -6.98 -2.61 2.55
C CYS A 11 -7.39 -3.98 3.03
N ALA A 12 -8.38 -4.59 2.44
CA ALA A 12 -8.78 -5.95 2.94
C ALA A 12 -8.06 -7.00 2.08
N VAL A 13 -8.30 -8.26 2.33
CA VAL A 13 -7.66 -9.35 1.55
C VAL A 13 -7.58 -9.12 0.03
N TRP A 14 -8.46 -8.30 -0.49
CA TRP A 14 -8.50 -8.00 -1.95
C TRP A 14 -7.88 -6.65 -2.37
N ASP A 15 -7.22 -6.00 -1.45
CA ASP A 15 -6.57 -4.67 -1.75
C ASP A 15 -5.05 -4.69 -1.62
N ASN A 16 -4.49 -5.68 -0.96
CA ASN A 16 -3.01 -5.71 -0.81
C ASN A 16 -2.25 -5.38 -2.11
N GLU A 17 -2.52 -6.14 -3.13
CA GLU A 17 -1.83 -5.89 -4.44
C GLU A 17 -2.08 -4.43 -4.88
N THR A 18 -3.23 -3.92 -4.53
CA THR A 18 -3.54 -2.51 -4.90
C THR A 18 -2.40 -1.68 -4.30
N CYS A 19 -2.08 -1.89 -3.05
CA CYS A 19 -0.96 -1.08 -2.49
C CYS A 19 0.26 -1.37 -3.40
N ARG A 20 0.68 -2.60 -3.61
CA ARG A 20 1.88 -2.87 -4.52
C ARG A 20 1.91 -1.86 -5.70
N ARG A 21 0.84 -1.87 -6.46
CA ARG A 21 0.75 -0.94 -7.64
C ARG A 21 0.79 0.53 -7.24
N VAL A 22 0.03 0.92 -6.25
CA VAL A 22 0.07 2.37 -5.86
C VAL A 22 1.47 2.74 -5.37
N CYS A 23 1.96 1.96 -4.45
CA CYS A 23 3.32 2.26 -3.92
C CYS A 23 4.32 2.23 -5.08
N LYS A 24 4.07 1.34 -6.00
CA LYS A 24 5.02 1.27 -7.16
C LYS A 24 4.75 2.48 -8.08
N GLU A 25 3.58 3.07 -8.03
CA GLU A 25 3.36 4.24 -8.93
C GLU A 25 4.07 5.46 -8.37
N GLU A 26 3.92 5.66 -7.08
CA GLU A 26 4.57 6.81 -6.39
C GLU A 26 6.04 6.78 -6.85
N GLY A 27 6.56 5.60 -6.67
CA GLY A 27 7.96 5.30 -7.04
C GLY A 27 8.68 4.72 -5.84
N ARG A 28 8.05 3.78 -5.19
CA ARG A 28 8.65 3.11 -3.98
C ARG A 28 9.00 1.66 -4.39
N SER A 29 9.27 0.81 -3.43
CA SER A 29 9.61 -0.59 -3.79
C SER A 29 8.25 -1.25 -4.01
N SER A 30 7.35 -1.06 -3.08
CA SER A 30 5.99 -1.68 -3.21
C SER A 30 5.28 -1.45 -1.92
N GLY A 31 4.01 -1.71 -1.93
CA GLY A 31 3.24 -1.48 -0.68
C GLY A 31 2.91 -2.82 -0.06
N HIS A 32 2.77 -2.77 1.22
CA HIS A 32 2.45 -3.97 2.01
C HIS A 32 1.16 -3.61 2.70
N CYS A 33 0.30 -4.57 2.83
CA CYS A 33 -0.98 -4.25 3.51
C CYS A 33 -0.72 -4.46 4.98
N SER A 34 -1.74 -4.25 5.75
CA SER A 34 -1.59 -4.43 7.22
C SER A 34 -2.24 -5.78 7.59
N PRO A 35 -1.67 -6.44 8.58
CA PRO A 35 -2.23 -7.70 9.17
C PRO A 35 -3.75 -7.62 9.30
N SER A 36 -4.17 -6.39 9.49
CA SER A 36 -5.62 -6.11 9.63
C SER A 36 -6.12 -5.61 8.30
N LEU A 37 -5.71 -4.40 7.95
CA LEU A 37 -6.14 -3.78 6.64
C LEU A 37 -5.80 -2.28 6.43
N LYS A 38 -4.63 -2.01 5.92
CA LYS A 38 -4.19 -0.59 5.67
C LYS A 38 -3.16 -0.63 4.51
N CYS A 39 -2.84 0.49 3.91
CA CYS A 39 -1.85 0.50 2.77
C CYS A 39 -0.45 1.15 3.05
N TRP A 40 0.55 0.34 3.29
CA TRP A 40 1.88 0.89 3.54
C TRP A 40 2.68 0.79 2.31
N CYS A 41 3.57 1.70 2.18
CA CYS A 41 4.46 1.75 1.00
C CYS A 41 5.81 1.52 1.62
N GLU A 42 6.49 0.60 1.01
CA GLU A 42 7.84 0.18 1.45
C GLU A 42 8.85 0.85 0.51
N GLY A 43 9.87 1.41 1.13
CA GLY A 43 10.94 2.11 0.34
C GLY A 43 10.71 3.61 0.59
N CYS A 44 10.70 3.97 1.84
CA CYS A 44 10.47 5.40 2.21
C CYS A 44 11.69 5.87 3.02
N ASP A 1 8.44 3.52 6.11
CA ASP A 1 7.39 3.53 5.09
C ASP A 1 6.36 4.56 5.42
N CYS A 2 5.73 4.98 4.38
CA CYS A 2 4.67 6.04 4.52
C CYS A 2 3.35 5.44 4.06
N LEU A 3 2.31 6.22 4.08
CA LEU A 3 0.99 5.67 3.64
C LEU A 3 0.73 6.09 2.22
N SER A 4 -0.04 5.33 1.51
CA SER A 4 -0.29 5.76 0.11
C SER A 4 -1.11 7.06 0.07
N GLY A 5 -0.91 7.77 -1.02
CA GLY A 5 -1.60 9.07 -1.28
C GLY A 5 -2.70 8.88 -2.30
N ARG A 6 -2.56 7.81 -3.05
CA ARG A 6 -3.55 7.43 -4.11
C ARG A 6 -4.50 6.35 -3.54
N TYR A 7 -3.96 5.45 -2.75
CA TYR A 7 -4.83 4.37 -2.17
C TYR A 7 -5.41 4.90 -0.88
N LYS A 8 -6.70 4.74 -0.72
CA LYS A 8 -7.37 5.21 0.50
C LYS A 8 -8.51 4.22 0.79
N GLY A 9 -8.84 4.00 2.03
CA GLY A 9 -9.94 3.03 2.36
C GLY A 9 -9.44 1.88 3.23
N PRO A 10 -10.33 0.97 3.59
CA PRO A 10 -9.90 -0.27 4.28
C PRO A 10 -9.18 -1.24 3.35
N CYS A 11 -8.04 -1.70 3.79
CA CYS A 11 -7.22 -2.66 2.99
C CYS A 11 -7.31 -4.03 3.68
N ALA A 12 -7.82 -4.98 2.96
CA ALA A 12 -7.97 -6.38 3.49
C ALA A 12 -7.16 -7.38 2.63
N VAL A 13 -7.14 -8.64 3.00
CA VAL A 13 -6.40 -9.69 2.24
C VAL A 13 -6.55 -9.68 0.71
N TRP A 14 -7.66 -9.16 0.25
CA TRP A 14 -7.93 -9.10 -1.21
C TRP A 14 -7.72 -7.67 -1.81
N ASP A 15 -7.15 -6.77 -1.05
CA ASP A 15 -6.90 -5.35 -1.52
C ASP A 15 -5.44 -4.85 -1.32
N ASN A 16 -4.52 -5.75 -1.16
CA ASN A 16 -3.07 -5.34 -0.97
C ASN A 16 -2.33 -5.14 -2.28
N GLU A 17 -2.35 -6.16 -3.10
CA GLU A 17 -1.67 -6.14 -4.44
C GLU A 17 -1.87 -4.77 -5.10
N THR A 18 -3.06 -4.26 -5.09
CA THR A 18 -3.33 -2.91 -5.68
C THR A 18 -2.22 -1.95 -5.21
N CYS A 19 -2.05 -1.96 -3.90
CA CYS A 19 -1.03 -1.09 -3.22
C CYS A 19 0.38 -1.55 -3.60
N ARG A 20 0.50 -2.74 -4.10
CA ARG A 20 1.85 -3.22 -4.51
C ARG A 20 2.13 -2.46 -5.80
N ARG A 21 1.08 -2.23 -6.56
CA ARG A 21 1.21 -1.49 -7.83
C ARG A 21 1.29 0.00 -7.48
N VAL A 22 0.26 0.55 -6.89
CA VAL A 22 0.24 2.01 -6.52
C VAL A 22 1.59 2.45 -5.96
N CYS A 23 2.03 1.74 -4.97
CA CYS A 23 3.35 2.10 -4.36
C CYS A 23 4.48 1.97 -5.38
N LYS A 24 4.34 0.97 -6.21
CA LYS A 24 5.39 0.74 -7.25
C LYS A 24 5.27 1.84 -8.32
N GLU A 25 4.09 2.38 -8.44
CA GLU A 25 3.83 3.45 -9.44
C GLU A 25 4.54 4.67 -8.87
N GLU A 26 4.19 5.03 -7.66
CA GLU A 26 4.80 6.20 -6.99
C GLU A 26 6.30 6.17 -7.25
N GLY A 27 6.86 5.05 -6.87
CA GLY A 27 8.32 4.85 -7.05
C GLY A 27 8.96 4.26 -5.81
N ARG A 28 8.25 3.34 -5.19
CA ARG A 28 8.77 2.67 -3.97
C ARG A 28 8.99 1.20 -4.34
N SER A 29 8.99 0.36 -3.35
CA SER A 29 9.21 -1.09 -3.57
C SER A 29 7.85 -1.77 -3.80
N SER A 30 6.84 -1.38 -3.06
CA SER A 30 5.44 -1.95 -3.18
C SER A 30 4.69 -1.66 -1.88
N GLY A 31 3.39 -1.59 -1.90
CA GLY A 31 2.72 -1.30 -0.61
C GLY A 31 2.44 -2.61 0.13
N HIS A 32 2.31 -2.41 1.40
CA HIS A 32 2.03 -3.51 2.34
C HIS A 32 0.80 -3.08 3.05
N CYS A 33 0.02 -4.07 3.41
CA CYS A 33 -1.22 -3.73 4.11
C CYS A 33 -0.85 -3.79 5.59
N SER A 34 -1.69 -3.11 6.31
CA SER A 34 -1.55 -3.00 7.78
C SER A 34 -2.72 -3.76 8.40
N PRO A 35 -2.48 -4.33 9.55
CA PRO A 35 -3.55 -4.93 10.36
C PRO A 35 -4.72 -3.96 10.57
N SER A 36 -4.41 -2.68 10.55
CA SER A 36 -5.48 -1.66 10.75
C SER A 36 -5.99 -1.17 9.39
N LEU A 37 -6.34 -2.18 8.63
CA LEU A 37 -6.89 -2.13 7.24
C LEU A 37 -6.44 -0.88 6.51
N LYS A 38 -5.16 -0.81 6.32
CA LYS A 38 -4.56 0.34 5.62
C LYS A 38 -3.38 -0.09 4.74
N CYS A 39 -2.99 0.81 3.88
CA CYS A 39 -1.86 0.58 2.93
C CYS A 39 -0.70 1.58 3.07
N TRP A 40 0.43 1.00 3.35
CA TRP A 40 1.68 1.72 3.53
C TRP A 40 2.48 1.36 2.31
N CYS A 41 3.33 2.24 1.93
CA CYS A 41 4.19 2.04 0.74
C CYS A 41 5.55 1.66 1.29
N GLU A 42 6.04 0.51 0.90
CA GLU A 42 7.37 0.10 1.42
C GLU A 42 8.42 0.76 0.51
N GLY A 43 9.31 1.49 1.12
CA GLY A 43 10.42 2.21 0.40
C GLY A 43 10.61 3.71 0.75
N CYS A 44 10.14 4.16 1.89
CA CYS A 44 10.30 5.62 2.27
C CYS A 44 10.47 5.73 3.78
#